data_1NSL
#
_entry.id   1NSL
#
_cell.length_a   59.339
_cell.length_b   134.185
_cell.length_c   91.062
_cell.angle_alpha   90.00
_cell.angle_beta   104.08
_cell.angle_gamma   90.00
#
_symmetry.space_group_name_H-M   'P 1 21 1'
#
loop_
_entity.id
_entity.type
_entity.pdbx_description
1 polymer 'Probable acetyltransferase'
2 non-polymer 'CHLORIDE ION'
3 water water
#
_entity_poly.entity_id   1
_entity_poly.type   'polypeptide(L)'
_entity_poly.pdbx_seq_one_letter_code
;G(MSE)FTCKVNEHITIRLLEPKDAERLAELIIQNQQRLGKWLFFAENPSSADTYRETIIPDWRRQYADLNGIEAGLLYD
GSLCG(MSE)ISLHNLDQVNRKAEIGYWIAKEFEGKGIITAACRKLITYAFEELELNRVAICAAVGNEKSRAVPERIGFL
EEGKARDGLYVNG(MSE)HHDLVYYSLLKREWEGEK
;
_entity_poly.pdbx_strand_id   A,B,C,D,E,F
#
# COMPACT_ATOMS: atom_id res chain seq x y z
N GLY A 1 -24.36 11.65 -13.99
CA GLY A 1 -22.90 11.42 -14.30
C GLY A 1 -22.30 12.68 -14.99
N PHE A 3 -19.52 12.06 -16.52
CA PHE A 3 -19.03 11.35 -17.70
C PHE A 3 -19.89 10.17 -18.04
N THR A 4 -20.32 10.13 -19.26
CA THR A 4 -21.37 9.18 -19.49
C THR A 4 -21.27 8.63 -20.88
N CYS A 5 -22.08 7.61 -21.17
CA CYS A 5 -22.01 7.04 -22.49
C CYS A 5 -23.40 6.83 -22.99
N LYS A 6 -23.90 7.76 -23.77
CA LYS A 6 -25.26 7.62 -24.21
C LYS A 6 -25.27 6.55 -25.30
N VAL A 7 -26.09 5.53 -25.13
CA VAL A 7 -26.15 4.51 -26.17
C VAL A 7 -27.20 4.99 -27.14
N ASN A 8 -28.34 5.34 -26.57
CA ASN A 8 -29.45 6.00 -27.25
C ASN A 8 -30.36 6.61 -26.19
N GLU A 9 -31.60 6.88 -26.52
CA GLU A 9 -32.44 7.40 -25.48
C GLU A 9 -32.68 6.21 -24.58
N HIS A 10 -33.30 6.43 -23.44
CA HIS A 10 -33.49 5.31 -22.52
C HIS A 10 -32.24 4.69 -22.01
N ILE A 11 -31.25 4.49 -22.87
CA ILE A 11 -30.10 3.67 -22.48
C ILE A 11 -28.79 4.35 -22.31
N THR A 12 -28.37 4.51 -21.08
CA THR A 12 -27.12 5.18 -20.85
C THR A 12 -26.22 4.24 -20.10
N ILE A 13 -24.90 4.26 -20.39
CA ILE A 13 -23.89 3.48 -19.64
C ILE A 13 -22.99 4.38 -18.76
N ARG A 14 -22.74 3.97 -17.52
CA ARG A 14 -21.90 4.79 -16.65
C ARG A 14 -21.28 3.98 -15.55
N LEU A 15 -20.06 4.36 -15.16
CA LEU A 15 -19.39 3.82 -13.97
C LEU A 15 -20.37 3.91 -12.82
N LEU A 16 -20.29 2.97 -11.86
CA LEU A 16 -21.16 3.11 -10.67
C LEU A 16 -20.44 3.94 -9.69
N GLU A 17 -21.09 4.20 -8.57
CA GLU A 17 -20.57 5.02 -7.50
C GLU A 17 -21.12 4.53 -6.17
N PRO A 18 -20.42 4.89 -5.09
CA PRO A 18 -20.91 4.48 -3.80
C PRO A 18 -22.35 4.67 -3.68
N LYS A 19 -22.96 5.74 -4.18
CA LYS A 19 -24.42 5.96 -3.91
C LYS A 19 -25.34 4.99 -4.65
N ASP A 20 -24.92 4.53 -5.81
CA ASP A 20 -25.58 3.41 -6.43
C ASP A 20 -25.59 2.23 -5.49
N ALA A 21 -24.89 2.20 -4.37
CA ALA A 21 -24.97 0.93 -3.64
C ALA A 21 -26.42 0.42 -3.21
N GLU A 22 -27.18 1.18 -2.42
CA GLU A 22 -28.46 0.62 -1.99
C GLU A 22 -29.22 -0.04 -3.18
N ARG A 23 -29.32 0.62 -4.34
CA ARG A 23 -30.11 0.05 -5.44
C ARG A 23 -29.41 -1.13 -6.15
N LEU A 24 -28.10 -1.06 -6.37
CA LEU A 24 -27.45 -2.19 -6.95
C LEU A 24 -27.72 -3.47 -6.15
N ALA A 25 -27.62 -3.43 -4.83
CA ALA A 25 -27.86 -4.63 -4.01
C ALA A 25 -29.31 -5.10 -4.07
N GLU A 26 -30.22 -4.13 -4.07
CA GLU A 26 -31.64 -4.43 -4.13
C GLU A 26 -31.85 -5.13 -5.45
N LEU A 27 -31.20 -4.61 -6.47
CA LEU A 27 -31.42 -5.08 -7.82
C LEU A 27 -30.85 -6.44 -8.01
N ILE A 28 -29.90 -6.78 -7.14
CA ILE A 28 -29.21 -8.06 -7.19
C ILE A 28 -29.92 -9.11 -6.38
N ILE A 29 -30.63 -8.68 -5.33
CA ILE A 29 -31.38 -9.62 -4.50
C ILE A 29 -32.65 -10.09 -5.18
N GLN A 30 -33.37 -9.18 -5.78
CA GLN A 30 -34.56 -9.51 -6.55
C GLN A 30 -34.26 -10.44 -7.73
N ASN A 31 -32.98 -10.76 -7.93
CA ASN A 31 -32.47 -11.53 -9.06
C ASN A 31 -31.37 -12.51 -8.61
N GLN A 32 -31.00 -12.46 -7.33
CA GLN A 32 -30.09 -13.42 -6.68
C GLN A 32 -29.90 -14.78 -7.37
N GLN A 33 -30.98 -15.56 -7.45
CA GLN A 33 -30.95 -16.91 -7.99
C GLN A 33 -30.97 -16.98 -9.51
N ARG A 34 -30.27 -16.04 -10.15
CA ARG A 34 -30.16 -16.03 -11.60
C ARG A 34 -28.78 -15.58 -12.03
N LEU A 35 -28.34 -14.43 -11.55
CA LEU A 35 -27.01 -14.01 -11.97
C LEU A 35 -25.94 -15.05 -11.53
N GLY A 36 -25.51 -15.88 -12.46
CA GLY A 36 -24.59 -16.91 -12.11
C GLY A 36 -24.62 -17.66 -13.37
N LYS A 37 -25.84 -17.87 -13.86
CA LYS A 37 -26.02 -18.35 -15.21
C LYS A 37 -25.57 -17.16 -16.07
N TRP A 38 -25.74 -15.96 -15.56
CA TRP A 38 -25.27 -14.81 -16.31
C TRP A 38 -23.84 -14.47 -15.89
N LEU A 39 -23.20 -15.43 -15.23
CA LEU A 39 -21.79 -15.33 -14.83
C LEU A 39 -21.43 -14.18 -13.90
N PHE A 40 -22.21 -13.98 -12.81
CA PHE A 40 -21.92 -12.90 -11.82
C PHE A 40 -22.11 -13.33 -10.33
N PHE A 41 -23.34 -13.22 -9.84
CA PHE A 41 -23.59 -13.37 -8.40
C PHE A 41 -23.14 -12.14 -7.56
N SER A 46 -22.91 -9.32 -1.84
CA SER A 46 -24.32 -8.87 -1.74
C SER A 46 -24.77 -7.90 -0.64
N SER A 47 -24.09 -7.80 0.51
CA SER A 47 -24.50 -6.79 1.51
C SER A 47 -24.32 -5.35 1.02
N ALA A 48 -25.38 -4.66 0.63
CA ALA A 48 -25.29 -3.29 0.05
C ALA A 48 -24.28 -2.32 0.68
N ASP A 49 -23.72 -2.69 1.82
CA ASP A 49 -22.66 -1.91 2.44
C ASP A 49 -21.34 -2.26 1.81
N THR A 50 -21.16 -3.54 1.54
CA THR A 50 -19.95 -4.02 0.94
C THR A 50 -19.75 -3.34 -0.40
N TYR A 51 -20.82 -2.94 -1.06
CA TYR A 51 -20.67 -2.37 -2.37
C TYR A 51 -20.21 -0.97 -2.23
N ARG A 52 -20.65 -0.33 -1.16
CA ARG A 52 -20.38 1.10 -0.97
C ARG A 52 -18.97 1.24 -0.54
N GLU A 53 -18.52 0.31 0.29
CA GLU A 53 -17.26 0.55 0.88
C GLU A 53 -16.17 -0.17 0.15
N THR A 54 -16.50 -1.26 -0.54
CA THR A 54 -15.44 -2.04 -1.08
C THR A 54 -15.55 -2.28 -2.57
N ILE A 55 -16.68 -2.84 -3.01
CA ILE A 55 -16.82 -3.29 -4.40
C ILE A 55 -16.95 -2.16 -5.42
N ILE A 56 -17.81 -1.18 -5.16
CA ILE A 56 -17.88 -0.12 -6.16
C ILE A 56 -16.53 0.64 -6.27
N PRO A 57 -15.96 0.99 -5.15
CA PRO A 57 -14.69 1.65 -5.21
C PRO A 57 -13.67 0.76 -5.88
N ASP A 58 -13.59 -0.54 -5.59
CA ASP A 58 -12.61 -1.30 -6.34
C ASP A 58 -12.88 -1.25 -7.87
N TRP A 59 -14.11 -1.25 -8.29
CA TRP A 59 -14.37 -1.32 -9.69
C TRP A 59 -13.88 -0.01 -10.31
N ARG A 60 -14.16 1.08 -9.61
CA ARG A 60 -13.68 2.37 -9.98
C ARG A 60 -12.13 2.37 -9.99
N ARG A 61 -11.43 1.90 -8.94
CA ARG A 61 -9.99 2.03 -9.08
C ARG A 61 -9.61 1.23 -10.33
N GLN A 62 -10.29 0.13 -10.63
CA GLN A 62 -9.81 -0.73 -11.66
C GLN A 62 -9.97 -0.01 -12.99
N TYR A 63 -10.98 0.84 -13.07
CA TYR A 63 -11.16 1.57 -14.30
C TYR A 63 -10.15 2.68 -14.35
N ALA A 64 -9.86 3.26 -13.23
CA ALA A 64 -8.91 4.28 -13.27
C ALA A 64 -7.61 3.63 -13.73
N ASP A 65 -7.26 2.42 -13.28
CA ASP A 65 -5.95 1.87 -13.64
C ASP A 65 -5.96 1.25 -15.01
N LEU A 66 -7.01 1.48 -15.75
CA LEU A 66 -7.18 0.90 -17.04
C LEU A 66 -7.21 -0.59 -17.23
N ASN A 67 -7.71 -1.39 -16.33
CA ASN A 67 -7.94 -2.71 -16.81
C ASN A 67 -9.31 -3.14 -16.61
N GLY A 68 -10.15 -2.84 -17.59
CA GLY A 68 -11.56 -3.22 -17.67
C GLY A 68 -12.51 -2.12 -17.34
N ILE A 69 -13.74 -2.35 -17.59
CA ILE A 69 -14.69 -1.43 -17.15
C ILE A 69 -15.72 -2.27 -16.46
N GLU A 70 -16.12 -1.96 -15.25
CA GLU A 70 -17.31 -2.59 -14.76
C GLU A 70 -18.27 -1.42 -14.69
N ALA A 71 -19.27 -1.34 -15.56
CA ALA A 71 -20.19 -0.20 -15.55
C ALA A 71 -21.65 -0.56 -15.34
N GLY A 72 -22.44 0.39 -14.88
CA GLY A 72 -23.85 0.14 -14.69
C GLY A 72 -24.63 0.42 -15.95
N LEU A 73 -25.73 -0.32 -16.21
CA LEU A 73 -26.64 0.00 -17.29
C LEU A 73 -27.84 0.88 -16.81
N LEU A 74 -28.15 1.90 -17.59
CA LEU A 74 -29.36 2.59 -17.23
C LEU A 74 -30.44 2.64 -18.32
N TYR A 75 -31.61 2.16 -17.94
CA TYR A 75 -32.80 2.38 -18.75
C TYR A 75 -33.50 3.61 -18.14
N ASP A 76 -33.91 4.50 -19.02
CA ASP A 76 -34.47 5.77 -18.66
C ASP A 76 -34.01 6.38 -17.35
N GLY A 77 -32.70 6.35 -17.12
CA GLY A 77 -32.12 6.98 -15.96
C GLY A 77 -32.10 6.09 -14.75
N SER A 78 -32.63 4.88 -14.84
CA SER A 78 -32.44 4.06 -13.69
C SER A 78 -31.55 2.87 -14.03
N LEU A 79 -30.76 2.44 -13.04
CA LEU A 79 -29.86 1.28 -13.10
C LEU A 79 -30.71 0.03 -13.30
N CYS A 80 -30.52 -0.70 -14.38
CA CYS A 80 -31.32 -1.87 -14.67
C CYS A 80 -30.39 -3.08 -14.91
N GLY A 81 -29.07 -2.85 -14.95
CA GLY A 81 -28.08 -3.90 -15.10
C GLY A 81 -26.59 -3.47 -15.09
N ILE A 83 -22.65 -3.88 -17.46
CA ILE A 83 -21.96 -4.42 -18.59
C ILE A 83 -20.52 -4.33 -18.26
N SER A 84 -19.70 -5.14 -18.88
CA SER A 84 -18.37 -5.22 -18.34
C SER A 84 -17.33 -5.68 -19.29
N LEU A 85 -16.14 -5.05 -19.34
CA LEU A 85 -15.06 -5.46 -20.25
C LEU A 85 -13.92 -5.94 -19.34
N HIS A 86 -13.62 -7.23 -19.38
CA HIS A 86 -12.67 -7.79 -18.43
C HIS A 86 -11.68 -8.63 -19.13
N ASN A 87 -10.81 -9.36 -18.43
CA ASN A 87 -9.70 -10.07 -19.08
C ASN A 87 -9.04 -9.23 -20.10
N LEU A 88 -8.90 -7.93 -19.92
CA LEU A 88 -8.16 -7.19 -20.92
C LEU A 88 -6.75 -7.71 -20.94
N ASP A 89 -6.25 -8.03 -22.14
CA ASP A 89 -4.89 -8.53 -22.40
C ASP A 89 -4.25 -7.80 -23.58
N GLN A 90 -3.52 -6.75 -23.22
CA GLN A 90 -2.94 -5.82 -24.16
C GLN A 90 -1.92 -6.52 -24.97
N VAL A 91 -1.21 -7.49 -24.42
CA VAL A 91 -0.27 -8.20 -25.25
C VAL A 91 -1.03 -8.92 -26.39
N ASN A 92 -1.97 -9.80 -26.12
CA ASN A 92 -2.69 -10.42 -27.23
C ASN A 92 -3.82 -9.52 -27.82
N ARG A 93 -3.91 -8.31 -27.33
CA ARG A 93 -4.80 -7.36 -27.97
C ARG A 93 -6.22 -7.84 -28.03
N LYS A 94 -6.67 -8.41 -26.93
CA LYS A 94 -7.99 -9.00 -26.87
C LYS A 94 -8.55 -8.76 -25.48
N ALA A 95 -9.87 -8.88 -25.33
CA ALA A 95 -10.60 -8.74 -24.04
C ALA A 95 -11.83 -9.56 -24.16
N GLU A 96 -12.65 -9.50 -23.10
CA GLU A 96 -13.98 -10.15 -23.06
C GLU A 96 -15.07 -9.23 -22.45
N ILE A 97 -16.32 -9.54 -22.75
CA ILE A 97 -17.45 -8.76 -22.35
C ILE A 97 -18.50 -9.56 -21.68
N GLY A 98 -18.93 -9.13 -20.50
CA GLY A 98 -19.99 -9.84 -19.76
C GLY A 98 -21.13 -8.85 -19.57
N TYR A 99 -22.23 -9.27 -18.98
CA TYR A 99 -23.35 -8.36 -18.77
C TYR A 99 -24.43 -9.05 -17.98
N TRP A 100 -25.44 -8.31 -17.56
CA TRP A 100 -26.64 -8.90 -16.93
C TRP A 100 -27.65 -7.82 -16.66
N ILE A 101 -28.91 -8.16 -16.72
CA ILE A 101 -29.91 -7.14 -16.64
C ILE A 101 -31.01 -7.65 -15.78
N ALA A 102 -31.71 -6.77 -15.10
CA ALA A 102 -32.74 -7.23 -14.18
C ALA A 102 -34.03 -7.66 -14.96
N LYS A 103 -34.70 -8.75 -14.58
CA LYS A 103 -35.85 -9.23 -15.41
C LYS A 103 -36.70 -8.06 -15.96
N GLU A 104 -37.25 -7.33 -15.01
CA GLU A 104 -37.93 -6.07 -15.21
C GLU A 104 -37.70 -5.45 -16.59
N PHE A 105 -36.46 -5.51 -17.08
CA PHE A 105 -36.03 -4.78 -18.29
C PHE A 105 -35.63 -5.70 -19.43
N GLU A 106 -36.06 -6.94 -19.33
CA GLU A 106 -35.70 -7.90 -20.35
C GLU A 106 -36.46 -7.52 -21.59
N GLY A 107 -35.92 -7.92 -22.74
CA GLY A 107 -36.69 -7.80 -23.96
C GLY A 107 -36.79 -6.46 -24.64
N LYS A 108 -36.36 -5.41 -23.96
CA LYS A 108 -36.32 -4.09 -24.56
C LYS A 108 -35.03 -3.86 -25.38
N GLY A 109 -34.22 -4.93 -25.55
CA GLY A 109 -33.04 -4.88 -26.40
C GLY A 109 -31.85 -4.05 -25.92
N ILE A 110 -31.67 -3.98 -24.59
CA ILE A 110 -30.60 -3.23 -23.92
C ILE A 110 -29.21 -3.81 -24.10
N ILE A 111 -28.97 -4.99 -23.53
CA ILE A 111 -27.69 -5.64 -23.62
C ILE A 111 -27.12 -5.51 -25.02
N THR A 112 -27.88 -5.92 -26.02
CA THR A 112 -27.36 -5.86 -27.37
C THR A 112 -26.87 -4.45 -27.70
N ALA A 113 -27.69 -3.46 -27.44
CA ALA A 113 -27.28 -2.15 -27.85
C ALA A 113 -26.12 -1.70 -27.01
N ALA A 114 -26.04 -2.20 -25.78
CA ALA A 114 -24.99 -1.75 -24.89
C ALA A 114 -23.64 -2.34 -25.33
N CYS A 115 -23.68 -3.59 -25.73
CA CYS A 115 -22.46 -4.25 -26.19
C CYS A 115 -21.96 -3.64 -27.42
N ARG A 116 -22.89 -3.23 -28.29
CA ARG A 116 -22.51 -2.61 -29.55
C ARG A 116 -21.64 -1.42 -29.30
N LYS A 117 -22.00 -0.59 -28.33
CA LYS A 117 -21.17 0.56 -28.02
C LYS A 117 -19.85 0.12 -27.38
N LEU A 118 -19.92 -0.88 -26.52
CA LEU A 118 -18.71 -1.30 -25.85
C LEU A 118 -17.73 -1.87 -26.86
N ILE A 119 -18.20 -2.60 -27.86
CA ILE A 119 -17.31 -3.23 -28.83
C ILE A 119 -16.63 -2.16 -29.66
N THR A 120 -17.43 -1.16 -30.01
CA THR A 120 -16.91 -0.07 -30.75
C THR A 120 -15.78 0.48 -29.96
N TYR A 121 -16.00 0.67 -28.66
CA TYR A 121 -14.94 1.27 -27.88
C TYR A 121 -13.75 0.31 -27.96
N ALA A 122 -13.97 -0.95 -27.64
CA ALA A 122 -12.82 -1.83 -27.71
C ALA A 122 -12.06 -1.72 -29.02
N PHE A 123 -12.79 -1.60 -30.12
CA PHE A 123 -12.15 -1.78 -31.42
C PHE A 123 -11.46 -0.56 -32.02
N GLU A 124 -11.95 0.63 -31.70
CA GLU A 124 -11.37 1.85 -32.25
C GLU A 124 -10.72 2.65 -31.18
N GLU A 125 -10.92 2.29 -29.92
CA GLU A 125 -10.31 3.10 -28.90
C GLU A 125 -9.23 2.36 -28.13
N LEU A 126 -9.44 1.12 -27.85
CA LEU A 126 -8.38 0.41 -27.20
C LEU A 126 -7.65 -0.27 -28.32
N GLU A 127 -8.25 -0.32 -29.51
CA GLU A 127 -7.54 -0.90 -30.63
C GLU A 127 -7.25 -2.36 -30.38
N LEU A 128 -8.19 -3.02 -29.75
CA LEU A 128 -8.11 -4.44 -29.53
C LEU A 128 -8.33 -5.11 -30.88
N ASN A 129 -7.87 -6.34 -31.04
CA ASN A 129 -8.14 -7.05 -32.26
C ASN A 129 -9.27 -8.03 -32.06
N ARG A 130 -9.45 -8.46 -30.81
CA ARG A 130 -10.34 -9.56 -30.51
C ARG A 130 -11.31 -9.28 -29.35
N VAL A 131 -12.55 -9.69 -29.45
CA VAL A 131 -13.43 -9.48 -28.32
C VAL A 131 -14.23 -10.74 -28.10
N ALA A 132 -14.28 -11.30 -26.90
CA ALA A 132 -15.14 -12.48 -26.86
C ALA A 132 -16.26 -12.32 -25.88
N ILE A 133 -17.26 -13.17 -26.05
CA ILE A 133 -18.33 -13.22 -25.09
C ILE A 133 -18.38 -14.66 -24.83
N CYS A 134 -18.85 -14.94 -23.63
CA CYS A 134 -18.81 -16.23 -23.03
C CYS A 134 -20.14 -16.42 -22.33
N ALA A 135 -20.71 -17.59 -22.40
CA ALA A 135 -22.04 -17.78 -21.84
C ALA A 135 -22.12 -19.18 -21.38
N ALA A 136 -22.81 -19.40 -20.27
CA ALA A 136 -23.11 -20.76 -19.92
C ALA A 136 -23.88 -21.33 -21.10
N VAL A 137 -23.62 -22.58 -21.34
CA VAL A 137 -24.20 -23.25 -22.48
C VAL A 137 -25.76 -23.25 -22.52
N GLY A 138 -26.40 -23.42 -21.36
CA GLY A 138 -27.86 -23.54 -21.31
C GLY A 138 -28.62 -22.23 -21.35
N ASN A 139 -27.92 -21.10 -21.40
CA ASN A 139 -28.64 -19.82 -21.33
C ASN A 139 -28.79 -19.09 -22.70
N GLU A 140 -29.80 -19.55 -23.43
CA GLU A 140 -30.08 -19.03 -24.75
C GLU A 140 -30.19 -17.53 -24.75
N LYS A 141 -30.58 -16.96 -23.62
CA LYS A 141 -30.76 -15.52 -23.60
C LYS A 141 -29.46 -14.78 -23.72
N SER A 142 -28.39 -15.29 -23.16
CA SER A 142 -27.21 -14.56 -23.28
C SER A 142 -26.63 -14.87 -24.64
N ARG A 143 -26.62 -16.13 -25.01
CA ARG A 143 -26.01 -16.48 -26.26
C ARG A 143 -26.68 -15.68 -27.37
N ALA A 144 -27.99 -15.51 -27.32
CA ALA A 144 -28.59 -14.66 -28.32
C ALA A 144 -27.78 -13.34 -28.60
N VAL A 145 -27.03 -12.83 -27.63
CA VAL A 145 -26.36 -11.58 -27.88
C VAL A 145 -25.22 -11.68 -28.88
N PRO A 146 -24.24 -12.50 -28.65
CA PRO A 146 -23.16 -12.63 -29.67
C PRO A 146 -23.75 -12.98 -31.02
N GLU A 147 -24.84 -13.71 -30.97
CA GLU A 147 -25.36 -14.13 -32.22
C GLU A 147 -25.99 -13.02 -33.03
N ARG A 148 -26.81 -12.12 -32.49
CA ARG A 148 -27.29 -11.15 -33.45
C ARG A 148 -26.13 -10.29 -33.86
N ILE A 149 -25.13 -10.10 -32.99
CA ILE A 149 -24.09 -9.14 -33.34
C ILE A 149 -23.16 -9.66 -34.41
N GLY A 150 -22.88 -10.94 -34.42
CA GLY A 150 -22.07 -11.39 -35.51
C GLY A 150 -20.76 -12.03 -35.11
N PHE A 151 -20.74 -12.49 -33.87
CA PHE A 151 -19.60 -13.19 -33.39
C PHE A 151 -19.65 -14.57 -33.99
N LEU A 152 -18.55 -15.29 -33.85
CA LEU A 152 -18.50 -16.66 -34.29
C LEU A 152 -18.28 -17.51 -33.07
N GLU A 153 -19.04 -18.59 -32.98
CA GLU A 153 -18.86 -19.58 -31.92
C GLU A 153 -17.45 -20.21 -32.09
N GLU A 154 -16.69 -20.33 -31.01
CA GLU A 154 -15.27 -20.76 -31.05
C GLU A 154 -14.95 -22.04 -30.34
N GLY A 155 -15.76 -22.41 -29.37
CA GLY A 155 -15.54 -23.60 -28.55
C GLY A 155 -16.26 -23.63 -27.19
N LYS A 156 -15.95 -24.64 -26.41
CA LYS A 156 -16.53 -24.78 -25.08
C LYS A 156 -15.48 -24.94 -24.01
N ALA A 157 -15.81 -24.52 -22.78
CA ALA A 157 -14.96 -24.93 -21.65
C ALA A 157 -15.69 -26.02 -20.85
N ARG A 158 -15.23 -27.25 -20.95
CA ARG A 158 -15.92 -28.30 -20.25
C ARG A 158 -15.86 -27.95 -18.81
N ASP A 159 -17.02 -27.92 -18.17
CA ASP A 159 -17.10 -27.68 -16.75
C ASP A 159 -16.67 -26.30 -16.36
N GLY A 160 -16.74 -25.34 -17.30
CA GLY A 160 -16.34 -23.96 -17.10
C GLY A 160 -16.95 -23.16 -15.97
N LEU A 161 -18.16 -23.54 -15.58
CA LEU A 161 -18.90 -22.72 -14.63
C LEU A 161 -19.20 -23.56 -13.42
N TYR A 162 -19.32 -22.98 -12.24
CA TYR A 162 -19.78 -23.78 -11.11
C TYR A 162 -20.89 -22.96 -10.47
N VAL A 163 -22.14 -23.20 -10.84
CA VAL A 163 -23.23 -22.39 -10.33
C VAL A 163 -23.97 -23.11 -9.25
N ASN A 164 -24.03 -22.49 -8.08
CA ASN A 164 -24.74 -23.10 -7.00
C ASN A 164 -24.62 -24.61 -7.07
N GLY A 165 -23.43 -25.10 -6.78
CA GLY A 165 -23.17 -26.51 -6.65
C GLY A 165 -22.85 -27.34 -7.88
N HIS A 167 -21.91 -28.32 -12.14
CA HIS A 167 -21.03 -28.05 -13.24
C HIS A 167 -21.89 -27.65 -14.41
N HIS A 168 -21.37 -26.71 -15.18
CA HIS A 168 -21.97 -26.35 -16.44
C HIS A 168 -20.85 -25.95 -17.38
N ASP A 169 -21.08 -26.11 -18.67
CA ASP A 169 -20.10 -25.83 -19.66
C ASP A 169 -20.32 -24.38 -20.00
N LEU A 170 -19.22 -23.73 -20.44
CA LEU A 170 -19.30 -22.38 -20.92
C LEU A 170 -19.10 -22.52 -22.40
N VAL A 171 -19.63 -21.58 -23.19
CA VAL A 171 -19.38 -21.58 -24.65
C VAL A 171 -18.91 -20.18 -24.98
N TYR A 172 -17.84 -20.09 -25.75
CA TYR A 172 -17.19 -18.83 -26.15
C TYR A 172 -17.64 -18.34 -27.52
N TYR A 173 -17.79 -17.03 -27.66
CA TYR A 173 -17.92 -16.49 -28.99
C TYR A 173 -16.83 -15.41 -29.18
N SER A 174 -16.40 -15.20 -30.43
CA SER A 174 -15.40 -14.16 -30.70
C SER A 174 -15.73 -13.27 -31.89
N LEU A 175 -15.19 -12.05 -31.87
CA LEU A 175 -15.39 -11.11 -32.96
C LEU A 175 -14.04 -10.52 -33.29
N LEU A 176 -13.63 -10.53 -34.55
CA LEU A 176 -12.33 -9.93 -34.89
C LEU A 176 -12.57 -8.49 -35.30
N LYS A 177 -11.61 -7.61 -35.04
CA LYS A 177 -11.67 -6.21 -35.48
C LYS A 177 -11.97 -6.04 -36.97
N ARG A 178 -11.55 -7.00 -37.79
CA ARG A 178 -11.79 -6.92 -39.23
C ARG A 178 -13.18 -7.42 -39.62
N GLU A 179 -13.77 -8.30 -38.83
CA GLU A 179 -15.09 -8.75 -39.21
C GLU A 179 -16.14 -7.72 -38.78
N TRP A 180 -15.68 -6.56 -38.34
CA TRP A 180 -16.62 -5.66 -37.70
C TRP A 180 -17.13 -4.48 -38.56
N GLY B 1 -13.07 8.26 -26.03
CA GLY B 1 -13.64 8.05 -24.59
C GLY B 1 -15.00 7.32 -24.50
N PHE B 3 -16.69 7.34 -21.73
CA PHE B 3 -17.36 8.28 -20.87
C PHE B 3 -16.92 9.71 -21.05
N THR B 4 -17.74 10.46 -21.71
CA THR B 4 -17.45 11.85 -21.88
C THR B 4 -18.59 12.63 -21.29
N CYS B 5 -18.35 13.94 -21.28
CA CYS B 5 -19.30 14.96 -20.92
C CYS B 5 -19.28 15.77 -22.14
N LYS B 6 -20.39 15.96 -22.79
CA LYS B 6 -20.45 16.75 -24.01
C LYS B 6 -21.01 18.09 -23.61
N VAL B 7 -20.17 19.14 -23.70
CA VAL B 7 -20.59 20.49 -23.36
C VAL B 7 -21.35 21.00 -24.53
N ASN B 8 -20.70 21.02 -25.67
CA ASN B 8 -21.44 21.46 -26.81
C ASN B 8 -20.73 21.48 -28.15
N GLU B 9 -20.98 20.36 -28.83
CA GLU B 9 -20.55 20.00 -30.17
C GLU B 9 -19.13 20.30 -30.55
N HIS B 10 -18.58 21.34 -29.97
CA HIS B 10 -17.16 21.50 -30.09
C HIS B 10 -16.46 20.94 -28.85
N ILE B 11 -17.04 21.18 -27.69
CA ILE B 11 -16.38 20.94 -26.45
C ILE B 11 -16.82 19.72 -25.63
N THR B 12 -15.91 18.77 -25.41
CA THR B 12 -16.16 17.64 -24.49
C THR B 12 -15.16 17.77 -23.36
N ILE B 13 -15.59 17.43 -22.16
CA ILE B 13 -14.68 17.34 -21.04
C ILE B 13 -14.54 15.86 -20.88
N ARG B 14 -13.32 15.41 -20.53
CA ARG B 14 -13.08 13.98 -20.25
C ARG B 14 -11.87 13.71 -19.40
N LEU B 15 -11.88 12.58 -18.72
CA LEU B 15 -10.73 12.21 -17.91
C LEU B 15 -9.51 12.11 -18.83
N LEU B 16 -8.31 12.31 -18.31
CA LEU B 16 -7.11 12.04 -19.13
C LEU B 16 -6.74 10.62 -18.91
N GLU B 17 -5.93 10.12 -19.84
CA GLU B 17 -5.45 8.77 -19.92
C GLU B 17 -3.99 8.82 -20.11
N PRO B 18 -3.28 7.86 -19.56
CA PRO B 18 -1.85 7.77 -19.78
C PRO B 18 -1.41 8.21 -21.16
N LYS B 19 -2.13 7.80 -22.20
CA LYS B 19 -1.72 8.07 -23.58
C LYS B 19 -1.92 9.49 -23.96
N ASP B 20 -2.48 10.29 -23.08
CA ASP B 20 -2.58 11.69 -23.34
C ASP B 20 -1.25 12.23 -22.90
N ALA B 21 -0.42 11.40 -22.29
CA ALA B 21 0.83 11.94 -21.77
C ALA B 21 1.67 12.72 -22.78
N GLU B 22 1.81 12.20 -24.00
CA GLU B 22 2.70 12.86 -24.98
C GLU B 22 2.16 14.23 -25.37
N ARG B 23 0.86 14.34 -25.65
CA ARG B 23 0.30 15.63 -26.03
C ARG B 23 0.25 16.54 -24.84
N LEU B 24 -0.16 16.00 -23.70
CA LEU B 24 -0.23 16.83 -22.50
C LEU B 24 1.09 17.51 -22.17
N ALA B 25 2.22 16.87 -22.37
CA ALA B 25 3.50 17.54 -22.04
C ALA B 25 3.95 18.60 -23.07
N GLU B 26 3.68 18.34 -24.35
CA GLU B 26 3.95 19.26 -25.44
C GLU B 26 3.13 20.49 -25.22
N LEU B 27 1.99 20.29 -24.60
CA LEU B 27 1.07 21.38 -24.39
C LEU B 27 1.36 22.19 -23.13
N ILE B 28 2.35 21.82 -22.34
CA ILE B 28 2.58 22.55 -21.10
C ILE B 28 3.85 23.29 -21.24
N ILE B 29 4.68 22.76 -22.12
CA ILE B 29 5.97 23.32 -22.42
C ILE B 29 5.78 24.52 -23.30
N GLN B 30 4.98 24.36 -24.34
CA GLN B 30 4.71 25.46 -25.25
C GLN B 30 3.94 26.53 -24.48
N ASN B 31 3.86 26.34 -23.18
CA ASN B 31 3.11 27.20 -22.25
C ASN B 31 3.73 27.17 -20.83
N GLN B 32 4.98 26.72 -20.72
CA GLN B 32 5.75 26.70 -19.46
C GLN B 32 5.58 27.97 -18.65
N GLN B 33 5.48 29.09 -19.38
CA GLN B 33 5.10 30.35 -18.79
C GLN B 33 3.56 30.51 -18.82
N ARG B 34 3.07 31.63 -18.30
CA ARG B 34 1.66 31.95 -18.43
C ARG B 34 0.83 31.01 -17.59
N LEU B 35 1.35 29.82 -17.34
CA LEU B 35 0.59 28.75 -16.69
C LEU B 35 0.49 28.67 -15.17
N GLY B 36 1.34 29.39 -14.47
CA GLY B 36 1.25 29.42 -13.03
C GLY B 36 0.38 30.60 -12.67
N LYS B 37 0.17 31.51 -13.63
CA LYS B 37 -0.76 32.62 -13.41
C LYS B 37 -2.18 32.04 -13.50
N TRP B 38 -2.30 30.92 -14.17
CA TRP B 38 -3.57 30.31 -14.17
C TRP B 38 -3.46 29.20 -13.11
N LEU B 39 -2.45 29.37 -12.25
CA LEU B 39 -2.31 28.53 -11.04
C LEU B 39 -2.03 27.05 -11.24
N PHE B 40 -1.31 26.69 -12.30
CA PHE B 40 -0.94 25.29 -12.49
C PHE B 40 0.59 25.07 -12.22
N PHE B 41 0.90 23.83 -11.80
CA PHE B 41 2.26 23.45 -11.41
C PHE B 41 3.34 24.10 -12.28
N SER B 46 7.23 18.92 -16.17
CA SER B 46 8.00 17.66 -16.19
C SER B 46 7.76 16.79 -17.45
N SER B 47 8.17 15.52 -17.41
CA SER B 47 8.18 14.74 -18.66
C SER B 47 6.94 13.96 -19.02
N ALA B 48 6.75 13.81 -20.32
CA ALA B 48 5.72 12.96 -20.87
C ALA B 48 5.78 11.63 -20.14
N ASP B 49 6.88 11.37 -19.43
CA ASP B 49 7.02 10.12 -18.67
C ASP B 49 6.29 10.17 -17.32
N THR B 50 6.60 11.19 -16.55
CA THR B 50 6.05 11.38 -15.24
C THR B 50 4.53 11.51 -15.36
N TYR B 51 4.05 12.03 -16.48
CA TYR B 51 2.62 12.11 -16.67
C TYR B 51 2.16 10.70 -16.99
N ARG B 52 2.83 10.04 -17.93
CA ARG B 52 2.40 8.71 -18.32
C ARG B 52 2.32 7.76 -17.17
N GLU B 53 3.29 7.79 -16.28
CA GLU B 53 3.30 6.79 -15.24
C GLU B 53 2.89 7.23 -13.83
N THR B 54 2.77 8.52 -13.58
CA THR B 54 2.50 8.90 -12.22
C THR B 54 1.39 9.90 -12.07
N ILE B 55 1.47 11.03 -12.77
CA ILE B 55 0.48 12.10 -12.62
C ILE B 55 -0.99 11.78 -13.00
N ILE B 56 -1.15 11.19 -14.17
CA ILE B 56 -2.47 10.89 -14.68
C ILE B 56 -3.06 9.70 -13.92
N PRO B 57 -2.27 8.68 -13.77
CA PRO B 57 -2.66 7.62 -12.89
C PRO B 57 -3.21 8.20 -11.58
N ASP B 58 -2.51 9.08 -10.87
CA ASP B 58 -3.16 9.61 -9.66
C ASP B 58 -4.40 10.45 -9.95
N TRP B 59 -4.49 11.17 -11.05
CA TRP B 59 -5.69 11.98 -11.16
C TRP B 59 -6.85 11.01 -11.26
N ARG B 60 -6.64 9.96 -12.04
CA ARG B 60 -7.69 9.05 -12.30
C ARG B 60 -8.07 8.38 -11.01
N ARG B 61 -7.09 8.11 -10.18
CA ARG B 61 -7.42 7.39 -8.97
C ARG B 61 -8.24 8.36 -8.07
N GLN B 62 -7.85 9.62 -8.11
CA GLN B 62 -8.55 10.61 -7.31
C GLN B 62 -10.02 10.69 -7.70
N TYR B 63 -10.26 10.60 -9.01
CA TYR B 63 -11.58 10.58 -9.50
C TYR B 63 -12.29 9.26 -9.08
N ALA B 64 -11.57 8.18 -9.07
CA ALA B 64 -12.23 7.01 -8.76
C ALA B 64 -12.61 7.17 -7.31
N ASP B 65 -11.74 7.72 -6.46
CA ASP B 65 -12.08 7.80 -5.01
C ASP B 65 -13.01 8.93 -4.70
N LEU B 66 -13.40 9.66 -5.70
CA LEU B 66 -14.29 10.76 -5.41
C LEU B 66 -13.79 12.05 -4.81
N ASN B 67 -12.48 12.37 -4.75
CA ASN B 67 -12.19 13.78 -4.50
C ASN B 67 -11.80 14.59 -5.65
N GLY B 68 -12.74 15.05 -6.43
CA GLY B 68 -12.46 16.07 -7.39
C GLY B 68 -12.32 15.42 -8.71
N ILE B 69 -12.09 16.22 -9.72
CA ILE B 69 -11.99 15.73 -11.04
C ILE B 69 -10.89 16.53 -11.65
N GLU B 70 -9.87 15.93 -12.26
CA GLU B 70 -8.90 16.67 -13.03
C GLU B 70 -9.14 16.16 -14.38
N ALA B 71 -9.89 16.91 -15.18
CA ALA B 71 -10.18 16.52 -16.55
C ALA B 71 -9.51 17.36 -17.65
N GLY B 72 -9.34 16.73 -18.80
CA GLY B 72 -8.93 17.50 -19.95
C GLY B 72 -10.10 18.14 -20.69
N LEU B 73 -9.75 19.19 -21.39
CA LEU B 73 -10.68 19.94 -22.19
C LEU B 73 -10.36 19.56 -23.59
N LEU B 74 -11.39 19.36 -24.39
CA LEU B 74 -11.13 18.90 -25.73
C LEU B 74 -11.93 19.72 -26.68
N TYR B 75 -11.22 20.39 -27.59
CA TYR B 75 -11.85 21.19 -28.65
C TYR B 75 -11.82 20.37 -29.97
N ASP B 76 -12.97 20.30 -30.61
CA ASP B 76 -13.10 19.54 -31.84
C ASP B 76 -12.32 18.24 -31.82
N GLY B 77 -12.17 17.64 -30.64
CA GLY B 77 -11.59 16.32 -30.54
C GLY B 77 -10.21 16.21 -29.90
N SER B 78 -9.47 17.30 -29.89
CA SER B 78 -8.17 17.16 -29.28
C SER B 78 -7.96 18.05 -28.05
N LEU B 79 -7.18 17.53 -27.10
CA LEU B 79 -6.78 18.21 -25.89
C LEU B 79 -6.29 19.64 -26.17
N CYS B 80 -6.94 20.61 -25.56
CA CYS B 80 -6.46 21.98 -25.61
C CYS B 80 -6.19 22.54 -24.20
N GLY B 81 -6.33 21.69 -23.16
CA GLY B 81 -6.19 22.13 -21.78
C GLY B 81 -6.93 21.27 -20.71
N ILE B 83 -9.72 21.14 -17.06
CA ILE B 83 -10.55 21.84 -16.12
C ILE B 83 -10.55 21.07 -14.84
N SER B 84 -10.75 21.77 -13.73
CA SER B 84 -10.55 21.11 -12.45
C SER B 84 -11.52 21.46 -11.35
N LEU B 85 -11.99 20.45 -10.61
CA LEU B 85 -12.86 20.65 -9.41
C LEU B 85 -12.03 20.13 -8.27
N HIS B 86 -11.54 21.01 -7.39
CA HIS B 86 -10.60 20.60 -6.35
C HIS B 86 -11.01 21.18 -5.03
N ASN B 87 -10.25 20.87 -3.97
CA ASN B 87 -10.59 21.09 -2.58
C ASN B 87 -12.01 20.74 -2.31
N LEU B 88 -12.47 19.56 -2.69
CA LEU B 88 -13.83 19.18 -2.37
C LEU B 88 -13.94 19.10 -0.91
N ASP B 89 -14.81 19.86 -0.28
CA ASP B 89 -15.00 19.68 1.17
C ASP B 89 -16.45 19.31 1.50
N GLN B 90 -16.72 18.02 1.70
CA GLN B 90 -18.18 17.61 1.84
C GLN B 90 -18.86 18.20 3.04
N VAL B 91 -18.25 18.08 4.18
CA VAL B 91 -18.91 18.58 5.32
C VAL B 91 -19.35 19.98 5.03
N ASN B 92 -18.43 20.82 4.62
CA ASN B 92 -18.84 22.20 4.38
C ASN B 92 -19.57 22.44 3.07
N ARG B 93 -19.81 21.36 2.34
CA ARG B 93 -20.55 21.45 1.11
C ARG B 93 -20.05 22.47 0.10
N LYS B 94 -18.74 22.50 -0.06
CA LYS B 94 -18.07 23.39 -0.99
C LYS B 94 -16.82 22.78 -1.71
N ALA B 95 -16.42 23.46 -2.78
CA ALA B 95 -15.31 23.07 -3.65
C ALA B 95 -14.84 24.27 -4.46
N GLU B 96 -13.71 24.10 -5.13
CA GLU B 96 -13.21 25.13 -6.00
C GLU B 96 -12.98 24.61 -7.43
N ILE B 97 -12.94 25.55 -8.38
CA ILE B 97 -12.83 25.17 -9.75
C ILE B 97 -11.67 25.93 -10.39
N GLY B 98 -10.70 25.24 -10.96
CA GLY B 98 -9.60 25.95 -11.59
C GLY B 98 -9.59 25.50 -13.02
N TYR B 99 -8.66 25.99 -13.85
CA TYR B 99 -8.71 25.66 -15.27
C TYR B 99 -7.60 26.37 -16.05
N TRP B 100 -7.23 25.81 -17.18
CA TRP B 100 -6.26 26.49 -18.03
C TRP B 100 -6.44 25.95 -19.42
N ILE B 101 -5.95 26.70 -20.39
CA ILE B 101 -6.12 26.33 -21.76
C ILE B 101 -4.95 26.83 -22.57
N ALA B 102 -4.60 26.14 -23.64
CA ALA B 102 -3.49 26.51 -24.48
C ALA B 102 -3.78 27.76 -25.32
N LYS B 103 -2.82 28.68 -25.36
CA LYS B 103 -2.96 29.92 -26.13
C LYS B 103 -3.71 29.75 -27.44
N GLU B 104 -3.22 28.82 -28.23
CA GLU B 104 -3.87 28.41 -29.46
C GLU B 104 -5.41 28.54 -29.45
N PHE B 105 -6.01 28.30 -28.28
CA PHE B 105 -7.46 28.22 -28.17
C PHE B 105 -8.12 29.21 -27.24
N GLU B 106 -7.47 30.33 -26.94
CA GLU B 106 -8.04 31.27 -25.98
C GLU B 106 -9.32 32.00 -26.40
N GLY B 107 -9.72 31.92 -27.64
CA GLY B 107 -10.83 32.76 -28.02
C GLY B 107 -12.21 32.15 -28.06
N LYS B 108 -12.23 30.83 -28.01
CA LYS B 108 -13.41 30.03 -28.28
C LYS B 108 -14.43 29.89 -27.17
N GLY B 109 -14.26 30.62 -26.08
CA GLY B 109 -15.18 30.49 -24.97
C GLY B 109 -15.28 29.07 -24.44
N ILE B 110 -14.18 28.34 -24.53
CA ILE B 110 -14.10 27.00 -23.96
C ILE B 110 -14.20 27.00 -22.43
N ILE B 111 -13.28 27.65 -21.76
CA ILE B 111 -13.27 27.59 -20.31
C ILE B 111 -14.62 27.91 -19.74
N THR B 112 -15.21 29.00 -20.19
CA THR B 112 -16.45 29.40 -19.60
C THR B 112 -17.51 28.30 -19.76
N ALA B 113 -17.65 27.75 -20.97
CA ALA B 113 -18.68 26.74 -21.17
C ALA B 113 -18.37 25.49 -20.40
N ALA B 114 -17.10 25.14 -20.24
CA ALA B 114 -16.81 23.94 -19.45
C ALA B 114 -17.20 24.21 -18.01
N CYS B 115 -16.73 25.34 -17.49
CA CYS B 115 -17.07 25.74 -16.13
C CYS B 115 -18.53 25.64 -15.91
N ARG B 116 -19.33 26.12 -16.85
CA ARG B 116 -20.77 26.08 -16.66
C ARG B 116 -21.28 24.65 -16.43
N LYS B 117 -20.79 23.69 -17.19
CA LYS B 117 -21.20 22.31 -16.98
C LYS B 117 -20.78 21.81 -15.60
N LEU B 118 -19.53 22.02 -15.25
CA LEU B 118 -19.01 21.50 -14.00
C LEU B 118 -19.77 22.15 -12.85
N ILE B 119 -20.21 23.39 -13.00
CA ILE B 119 -20.96 24.02 -11.93
C ILE B 119 -22.27 23.23 -11.74
N THR B 120 -23.00 23.01 -12.83
CA THR B 120 -24.21 22.23 -12.79
C THR B 120 -23.93 20.93 -11.99
N TYR B 121 -22.83 20.24 -12.32
CA TYR B 121 -22.53 19.02 -11.61
C TYR B 121 -22.44 19.25 -10.10
N ALA B 122 -21.54 20.13 -9.70
CA ALA B 122 -21.36 20.50 -8.30
C ALA B 122 -22.71 20.69 -7.54
N PHE B 123 -23.66 21.39 -8.15
CA PHE B 123 -24.91 21.75 -7.44
C PHE B 123 -26.06 20.77 -7.57
N GLU B 124 -26.19 20.15 -8.72
CA GLU B 124 -27.29 19.28 -8.92
C GLU B 124 -26.95 17.85 -8.56
N GLU B 125 -25.70 17.46 -8.75
CA GLU B 125 -25.32 16.10 -8.47
C GLU B 125 -24.55 15.91 -7.20
N LEU B 126 -23.60 16.80 -6.92
CA LEU B 126 -22.79 16.65 -5.73
C LEU B 126 -23.56 17.29 -4.59
N GLU B 127 -24.63 17.98 -4.96
CA GLU B 127 -25.44 18.70 -3.99
C GLU B 127 -24.67 19.69 -3.12
N LEU B 128 -23.59 20.25 -3.64
CA LEU B 128 -22.80 21.26 -2.96
C LEU B 128 -23.54 22.59 -2.78
N ASN B 129 -23.23 23.31 -1.71
CA ASN B 129 -23.88 24.58 -1.51
C ASN B 129 -23.10 25.73 -2.08
N ARG B 130 -21.78 25.52 -2.28
CA ARG B 130 -20.85 26.60 -2.70
C ARG B 130 -19.69 26.23 -3.65
N VAL B 131 -19.46 27.05 -4.62
CA VAL B 131 -18.33 26.77 -5.52
C VAL B 131 -17.48 28.03 -5.59
N ALA B 132 -16.16 27.94 -5.53
CA ALA B 132 -15.42 29.20 -5.66
C ALA B 132 -14.45 29.12 -6.83
N ILE B 133 -14.12 30.25 -7.41
CA ILE B 133 -13.06 30.36 -8.40
C ILE B 133 -12.08 31.42 -7.90
N CYS B 134 -10.83 31.17 -8.18
CA CYS B 134 -9.73 31.83 -7.61
C CYS B 134 -8.89 32.34 -8.76
N ALA B 135 -8.20 33.43 -8.56
CA ALA B 135 -7.40 33.93 -9.68
C ALA B 135 -6.37 34.91 -9.28
N ALA B 136 -5.30 34.91 -10.06
CA ALA B 136 -4.25 35.86 -9.79
C ALA B 136 -4.88 37.24 -9.91
N VAL B 137 -4.79 38.03 -8.84
CA VAL B 137 -5.36 39.36 -8.82
C VAL B 137 -5.16 40.16 -10.11
N GLY B 138 -4.14 39.83 -10.90
CA GLY B 138 -3.89 40.51 -12.16
C GLY B 138 -4.04 39.73 -13.46
N ASN B 139 -4.96 38.77 -13.55
CA ASN B 139 -5.11 38.03 -14.80
C ASN B 139 -6.49 38.27 -15.37
N GLU B 140 -6.67 39.47 -15.90
CA GLU B 140 -7.94 39.89 -16.43
C GLU B 140 -8.74 38.79 -17.13
N LYS B 141 -8.10 37.96 -17.96
CA LYS B 141 -8.80 36.93 -18.74
C LYS B 141 -9.28 35.78 -17.88
N SER B 142 -8.70 35.68 -16.69
CA SER B 142 -9.14 34.66 -15.79
C SER B 142 -10.31 35.20 -14.98
N ARG B 143 -10.12 36.39 -14.44
CA ARG B 143 -11.12 37.06 -13.63
C ARG B 143 -12.46 37.14 -14.41
N ALA B 144 -12.36 37.30 -15.71
CA ALA B 144 -13.56 37.42 -16.49
C ALA B 144 -14.51 36.24 -16.27
N VAL B 145 -13.94 35.06 -16.11
CA VAL B 145 -14.75 33.86 -16.05
C VAL B 145 -15.78 33.84 -14.96
N PRO B 146 -15.38 33.89 -13.70
CA PRO B 146 -16.38 33.93 -12.60
C PRO B 146 -17.31 35.11 -12.85
N GLU B 147 -16.71 36.24 -13.18
CA GLU B 147 -17.51 37.39 -13.33
C GLU B 147 -18.61 37.20 -14.35
N ARG B 148 -18.25 36.73 -15.54
CA ARG B 148 -19.29 36.50 -16.54
C ARG B 148 -20.35 35.50 -16.00
N ILE B 149 -19.94 34.47 -15.25
CA ILE B 149 -20.92 33.55 -14.77
C ILE B 149 -21.74 34.11 -13.63
N GLY B 150 -21.25 35.14 -12.96
CA GLY B 150 -22.06 35.72 -11.91
C GLY B 150 -21.64 35.35 -10.52
N PHE B 151 -20.34 35.12 -10.33
CA PHE B 151 -19.77 34.83 -9.01
C PHE B 151 -19.55 36.16 -8.27
N LEU B 152 -19.61 36.19 -6.95
CA LEU B 152 -19.24 37.42 -6.26
C LEU B 152 -17.77 37.38 -5.77
N GLU B 153 -17.13 38.55 -5.76
CA GLU B 153 -15.83 38.71 -5.18
C GLU B 153 -16.05 38.61 -3.66
N GLU B 154 -15.17 37.89 -2.96
CA GLU B 154 -15.26 37.70 -1.52
C GLU B 154 -14.06 38.25 -0.80
N GLY B 155 -12.95 38.31 -1.50
CA GLY B 155 -11.72 38.75 -0.87
C GLY B 155 -10.45 38.33 -1.56
N LYS B 156 -9.36 38.65 -0.91
CA LYS B 156 -8.07 38.37 -1.49
C LYS B 156 -7.22 37.48 -0.61
N ALA B 157 -6.34 36.71 -1.23
CA ALA B 157 -5.35 35.96 -0.45
C ALA B 157 -4.03 36.69 -0.61
N ARG B 158 -3.47 37.12 0.52
CA ARG B 158 -2.29 37.92 0.48
C ARG B 158 -1.12 37.04 0.16
N ASP B 159 -0.56 37.28 -1.01
CA ASP B 159 0.62 36.54 -1.46
C ASP B 159 0.25 35.09 -1.75
N GLY B 160 -1.03 34.83 -1.86
CA GLY B 160 -1.49 33.48 -2.14
C GLY B 160 -0.77 32.72 -3.23
N LEU B 161 0.04 33.41 -4.02
CA LEU B 161 0.66 32.73 -5.14
C LEU B 161 2.13 32.93 -5.18
N TYR B 162 2.85 31.97 -5.74
CA TYR B 162 4.29 32.13 -5.91
C TYR B 162 4.66 31.73 -7.32
N VAL B 163 4.66 32.67 -8.25
CA VAL B 163 4.94 32.30 -9.62
C VAL B 163 6.30 32.80 -10.08
N ASN B 164 7.24 31.88 -10.14
CA ASN B 164 8.58 32.21 -10.52
C ASN B 164 9.19 33.26 -9.61
N GLY B 165 9.74 32.82 -8.48
CA GLY B 165 10.49 33.72 -7.62
C GLY B 165 9.71 34.83 -6.95
N HIS B 167 5.76 36.63 -5.78
CA HIS B 167 4.50 36.26 -5.16
C HIS B 167 3.48 37.28 -5.59
N HIS B 168 2.25 36.84 -5.82
CA HIS B 168 1.15 37.68 -6.23
C HIS B 168 -0.12 37.26 -5.48
N ASP B 169 -1.06 38.19 -5.37
CA ASP B 169 -2.26 37.94 -4.61
C ASP B 169 -3.34 37.22 -5.38
N LEU B 170 -4.21 36.57 -4.63
CA LEU B 170 -5.26 35.81 -5.21
C LEU B 170 -6.58 36.45 -4.86
N VAL B 171 -7.48 36.45 -5.81
CA VAL B 171 -8.79 37.01 -5.55
C VAL B 171 -9.82 35.89 -5.57
N TYR B 172 -10.74 35.86 -4.60
CA TYR B 172 -11.73 34.79 -4.56
C TYR B 172 -13.06 35.21 -5.11
N TYR B 173 -13.71 34.28 -5.79
CA TYR B 173 -15.02 34.55 -6.25
C TYR B 173 -15.85 33.36 -5.78
N SER B 174 -17.15 33.56 -5.47
CA SER B 174 -17.92 32.40 -5.01
C SER B 174 -19.28 32.40 -5.57
N LEU B 175 -19.89 31.21 -5.58
CA LEU B 175 -21.23 31.10 -6.15
C LEU B 175 -22.06 30.14 -5.33
N LEU B 176 -23.18 30.63 -4.82
CA LEU B 176 -23.92 29.78 -3.93
C LEU B 176 -25.07 29.12 -4.64
N LYS B 177 -25.36 27.89 -4.30
CA LYS B 177 -26.50 27.25 -4.92
C LYS B 177 -27.74 28.14 -5.08
N ARG B 178 -28.13 28.86 -4.05
CA ARG B 178 -29.40 29.61 -4.18
C ARG B 178 -29.28 30.88 -4.97
N GLU B 179 -28.36 30.91 -5.92
CA GLU B 179 -28.12 32.09 -6.71
C GLU B 179 -28.02 31.65 -8.14
N TRP B 180 -27.79 30.36 -8.30
CA TRP B 180 -27.53 29.77 -9.60
C TRP B 180 -28.70 28.93 -10.16
N GLY C 1 0.40 -29.56 0.02
CA GLY C 1 1.31 -28.43 -0.45
C GLY C 1 2.20 -28.85 -1.61
N PHE C 3 5.03 -27.43 -2.64
CA PHE C 3 6.39 -27.24 -2.20
C PHE C 3 6.48 -27.54 -0.71
N THR C 4 7.26 -28.52 -0.30
CA THR C 4 7.35 -28.85 1.09
C THR C 4 8.73 -29.30 1.39
N CYS C 5 8.96 -29.62 2.65
CA CYS C 5 10.23 -30.10 3.04
C CYS C 5 10.03 -31.42 3.70
N LYS C 6 10.53 -32.47 3.07
CA LYS C 6 10.41 -33.76 3.74
C LYS C 6 11.56 -33.97 4.71
N VAL C 7 11.27 -33.90 5.99
CA VAL C 7 12.28 -33.98 6.99
C VAL C 7 12.67 -35.40 7.05
N ASN C 8 11.64 -36.23 7.24
CA ASN C 8 11.76 -37.67 7.15
C ASN C 8 10.36 -38.26 6.89
N GLU C 9 10.23 -39.57 6.94
CA GLU C 9 8.97 -40.26 6.60
C GLU C 9 7.69 -39.89 7.35
N HIS C 10 7.80 -39.11 8.43
CA HIS C 10 6.61 -38.72 9.16
C HIS C 10 6.48 -37.18 9.25
N ILE C 11 7.58 -36.50 9.11
CA ILE C 11 7.62 -35.08 9.43
C ILE C 11 7.80 -34.24 8.21
N THR C 12 6.87 -33.32 7.97
CA THR C 12 7.04 -32.41 6.86
C THR C 12 6.89 -30.96 7.29
N ILE C 13 7.62 -30.06 6.61
CA ILE C 13 7.62 -28.64 6.92
C ILE C 13 6.97 -27.90 5.77
N ARG C 14 6.07 -26.96 6.02
CA ARG C 14 5.52 -26.19 4.89
C ARG C 14 5.04 -24.82 5.25
N LEU C 15 4.98 -23.92 4.29
CA LEU C 15 4.49 -22.59 4.61
C LEU C 15 3.10 -22.85 4.99
N LEU C 16 2.55 -22.08 5.91
CA LEU C 16 1.16 -22.29 6.27
C LEU C 16 0.32 -21.60 5.19
N GLU C 17 -0.95 -21.92 5.11
CA GLU C 17 -1.84 -21.28 4.17
C GLU C 17 -3.10 -20.83 4.87
N PRO C 18 -3.77 -19.82 4.35
CA PRO C 18 -5.00 -19.39 4.97
C PRO C 18 -5.89 -20.57 5.35
N LYS C 19 -5.99 -21.60 4.55
CA LYS C 19 -6.88 -22.65 5.07
C LYS C 19 -6.39 -23.42 6.36
N ASP C 20 -5.15 -23.21 6.82
CA ASP C 20 -4.69 -23.84 8.05
C ASP C 20 -5.21 -23.05 9.26
N ALA C 21 -5.85 -21.92 9.03
CA ALA C 21 -6.26 -21.10 10.20
C ALA C 21 -7.15 -21.80 11.31
N GLU C 22 -8.30 -22.35 10.95
CA GLU C 22 -9.06 -23.10 11.98
C GLU C 22 -8.10 -24.03 12.79
N ARG C 23 -7.36 -24.95 12.15
CA ARG C 23 -6.50 -25.87 12.90
C ARG C 23 -5.42 -25.16 13.72
N LEU C 24 -4.79 -24.12 13.17
CA LEU C 24 -3.80 -23.40 13.93
C LEU C 24 -4.43 -22.76 15.18
N ALA C 25 -5.52 -22.04 15.00
CA ALA C 25 -6.13 -21.37 16.12
C ALA C 25 -6.55 -22.34 17.22
N GLU C 26 -7.07 -23.48 16.84
CA GLU C 26 -7.52 -24.43 17.84
C GLU C 26 -6.31 -24.98 18.58
N LEU C 27 -5.28 -25.31 17.83
CA LEU C 27 -4.05 -25.78 18.44
C LEU C 27 -3.49 -24.70 19.38
N ILE C 28 -3.82 -23.45 19.10
CA ILE C 28 -3.21 -22.46 19.94
C ILE C 28 -3.98 -22.25 21.21
N ILE C 29 -5.30 -22.47 21.18
CA ILE C 29 -6.11 -22.22 22.35
C ILE C 29 -5.87 -23.39 23.23
N GLN C 30 -5.56 -24.49 22.57
CA GLN C 30 -5.42 -25.76 23.24
C GLN C 30 -4.19 -25.70 24.12
N ASN C 31 -3.12 -25.13 23.60
CA ASN C 31 -1.98 -24.90 24.44
C ASN C 31 -2.05 -23.45 24.68
N GLN C 32 -0.98 -22.81 25.12
CA GLN C 32 -1.23 -21.40 25.40
C GLN C 32 -0.94 -21.05 26.83
N GLN C 33 -1.15 -21.99 27.72
CA GLN C 33 -0.77 -21.69 29.05
C GLN C 33 0.58 -22.33 29.23
N ARG C 34 1.19 -22.59 28.08
CA ARG C 34 2.61 -22.84 28.01
C ARG C 34 2.97 -21.80 26.99
N LEU C 35 3.31 -22.22 25.79
CA LEU C 35 3.45 -21.24 24.70
C LEU C 35 4.02 -19.87 25.06
N GLY C 36 4.55 -19.70 26.24
CA GLY C 36 5.10 -18.44 26.66
C GLY C 36 6.53 -18.77 26.99
N LYS C 37 6.73 -19.86 27.75
CA LYS C 37 8.06 -20.44 27.99
C LYS C 37 8.65 -20.71 26.61
N TRP C 38 7.77 -20.76 25.64
CA TRP C 38 8.14 -21.14 24.29
C TRP C 38 8.40 -19.93 23.38
N LEU C 39 8.29 -18.75 23.97
CA LEU C 39 8.53 -17.56 23.20
C LEU C 39 7.64 -17.39 21.99
N PHE C 40 6.37 -17.76 22.06
CA PHE C 40 5.44 -17.40 20.98
C PHE C 40 4.12 -17.02 21.62
N PHE C 41 3.96 -15.72 21.88
CA PHE C 41 2.77 -15.27 22.60
C PHE C 41 1.72 -14.58 21.72
N ALA C 42 0.50 -15.11 21.66
CA ALA C 42 -0.53 -14.26 21.05
C ALA C 42 -0.90 -13.18 22.11
N GLU C 43 -0.91 -13.57 23.40
CA GLU C 43 -1.28 -12.67 24.53
C GLU C 43 -2.80 -12.47 24.53
N ASN C 44 -3.30 -11.93 23.42
CA ASN C 44 -4.72 -11.92 23.11
C ASN C 44 -4.64 -12.87 21.92
N PRO C 45 -4.89 -14.13 22.23
CA PRO C 45 -4.60 -15.25 21.34
C PRO C 45 -5.41 -15.23 20.09
N SER C 46 -5.44 -16.37 19.44
CA SER C 46 -6.05 -16.50 18.14
C SER C 46 -7.49 -16.14 17.98
N SER C 47 -7.94 -16.40 16.76
CA SER C 47 -9.25 -16.11 16.25
C SER C 47 -9.09 -16.58 14.84
N ALA C 48 -9.70 -17.69 14.48
CA ALA C 48 -9.51 -18.27 13.14
C ALA C 48 -9.63 -17.27 11.99
N ASP C 49 -10.43 -16.21 12.15
CA ASP C 49 -10.51 -15.19 11.13
C ASP C 49 -9.22 -14.38 11.04
N THR C 50 -8.73 -13.92 12.16
CA THR C 50 -7.51 -13.15 12.15
C THR C 50 -6.36 -13.91 11.50
N TYR C 51 -6.13 -15.17 11.85
CA TYR C 51 -5.07 -15.91 11.17
C TYR C 51 -5.32 -16.06 9.67
N ARG C 52 -6.58 -16.19 9.31
CA ARG C 52 -6.89 -16.36 7.91
C ARG C 52 -6.73 -15.08 7.14
N GLU C 53 -7.12 -13.96 7.72
CA GLU C 53 -7.15 -12.79 6.87
C GLU C 53 -5.90 -11.92 6.91
N THR C 54 -5.16 -12.05 8.00
CA THR C 54 -4.08 -11.17 8.30
C THR C 54 -2.83 -11.90 8.66
N ILE C 55 -2.88 -12.72 9.71
CA ILE C 55 -1.63 -13.26 10.16
C ILE C 55 -1.01 -14.24 9.19
N ILE C 56 -1.81 -15.15 8.65
CA ILE C 56 -1.15 -16.08 7.76
C ILE C 56 -0.73 -15.43 6.44
N PRO C 57 -1.55 -14.58 5.88
CA PRO C 57 -1.11 -13.81 4.74
C PRO C 57 0.15 -13.07 5.03
N ASP C 58 0.30 -12.27 6.10
CA ASP C 58 1.57 -11.57 6.14
C ASP C 58 2.67 -12.58 6.20
N TRP C 59 2.54 -13.67 6.94
CA TRP C 59 3.74 -14.52 7.05
C TRP C 59 4.20 -14.91 5.64
N ARG C 60 3.21 -15.26 4.81
CA ARG C 60 3.49 -15.65 3.47
C ARG C 60 4.22 -14.55 2.71
N ARG C 61 3.85 -13.30 2.89
CA ARG C 61 4.62 -12.34 2.12
C ARG C 61 6.05 -12.23 2.62
N GLN C 62 6.27 -12.53 3.87
CA GLN C 62 7.58 -12.34 4.40
C GLN C 62 8.45 -13.38 3.71
N TYR C 63 7.89 -14.56 3.57
CA TYR C 63 8.59 -15.62 2.91
C TYR C 63 8.81 -15.16 1.48
N ALA C 64 7.97 -14.36 0.93
CA ALA C 64 8.26 -14.11 -0.46
C ALA C 64 9.38 -13.12 -0.53
N ASP C 65 9.28 -12.14 0.37
CA ASP C 65 10.20 -11.04 0.41
C ASP C 65 11.55 -11.57 0.80
N LEU C 66 11.55 -12.82 1.22
CA LEU C 66 12.77 -13.43 1.56
C LEU C 66 13.29 -13.00 2.90
N ASN C 67 12.42 -12.69 3.85
CA ASN C 67 13.07 -12.50 5.10
C ASN C 67 12.57 -13.21 6.25
N GLY C 68 12.29 -14.48 6.05
CA GLY C 68 12.14 -15.36 7.20
C GLY C 68 11.31 -16.53 6.86
N ILE C 69 11.16 -17.45 7.78
CA ILE C 69 10.20 -18.49 7.52
C ILE C 69 9.31 -18.69 8.72
N GLU C 70 8.03 -18.70 8.49
CA GLU C 70 7.10 -19.02 9.55
C GLU C 70 6.42 -20.22 8.93
N ALA C 71 6.78 -21.43 9.36
CA ALA C 71 6.23 -22.65 8.75
C ALA C 71 5.45 -23.55 9.67
N GLY C 72 4.67 -24.44 9.09
CA GLY C 72 3.98 -25.39 9.93
C GLY C 72 4.72 -26.72 10.08
N LEU C 73 4.63 -27.33 11.26
CA LEU C 73 5.14 -28.68 11.48
C LEU C 73 3.96 -29.65 11.32
N LEU C 74 4.18 -30.66 10.47
CA LEU C 74 3.13 -31.63 10.21
C LEU C 74 3.70 -32.94 10.55
N TYR C 75 3.00 -33.70 11.39
CA TYR C 75 3.34 -35.08 11.70
C TYR C 75 2.33 -35.93 10.94
N ASP C 76 2.83 -36.76 10.06
CA ASP C 76 1.94 -37.64 9.30
C ASP C 76 0.78 -36.97 8.64
N GLY C 77 0.96 -35.72 8.28
CA GLY C 77 -0.06 -35.04 7.52
C GLY C 77 -0.66 -33.83 8.18
N SER C 78 -0.68 -33.75 9.52
CA SER C 78 -1.34 -32.56 10.10
C SER C 78 -0.61 -31.72 11.15
N LEU C 79 -0.88 -30.41 11.13
CA LEU C 79 -0.26 -29.43 12.02
C LEU C 79 -0.11 -29.86 13.44
N CYS C 80 1.10 -29.85 13.94
CA CYS C 80 1.28 -30.21 15.32
C CYS C 80 2.10 -29.14 15.91
N GLY C 81 2.45 -28.16 15.10
CA GLY C 81 3.25 -27.03 15.57
C GLY C 81 3.76 -26.12 14.45
N ILE C 83 7.62 -23.95 13.04
CA ILE C 83 9.05 -23.70 13.23
C ILE C 83 9.27 -22.43 12.54
N SER C 84 10.37 -21.78 12.86
CA SER C 84 10.50 -20.44 12.40
C SER C 84 11.92 -19.93 12.41
N LEU C 85 12.22 -19.13 11.39
CA LEU C 85 13.55 -18.55 11.27
C LEU C 85 13.24 -17.10 11.11
N HIS C 86 13.69 -16.29 12.04
CA HIS C 86 13.36 -14.88 12.09
C HIS C 86 14.57 -14.06 12.51
N ASN C 87 14.43 -12.75 12.66
CA ASN C 87 15.56 -11.85 12.88
C ASN C 87 16.62 -12.12 11.87
N LEU C 88 16.23 -12.14 10.62
CA LEU C 88 17.20 -12.44 9.60
C LEU C 88 18.01 -11.21 9.35
N ASP C 89 19.30 -11.26 9.63
CA ASP C 89 20.16 -10.12 9.44
C ASP C 89 21.19 -10.54 8.40
N GLN C 90 20.90 -10.24 7.13
CA GLN C 90 21.78 -10.59 6.01
C GLN C 90 23.13 -9.93 6.11
N VAL C 91 23.19 -8.78 6.74
CA VAL C 91 24.47 -8.13 6.82
C VAL C 91 25.37 -8.83 7.76
N ASN C 92 24.89 -9.15 8.95
CA ASN C 92 25.80 -9.85 9.85
C ASN C 92 25.79 -11.34 9.60
N ARG C 93 24.97 -11.74 8.65
CA ARG C 93 24.98 -13.11 8.24
C ARG C 93 24.46 -14.07 9.31
N LYS C 94 23.43 -13.65 10.04
CA LYS C 94 22.93 -14.47 11.14
C LYS C 94 21.43 -14.46 11.26
N ALA C 95 20.88 -15.33 12.10
CA ALA C 95 19.41 -15.34 12.21
C ALA C 95 19.03 -16.10 13.47
N GLU C 96 17.78 -16.08 13.91
CA GLU C 96 17.38 -16.99 14.98
C GLU C 96 16.28 -18.04 14.65
N ILE C 97 16.25 -19.14 15.42
CA ILE C 97 15.20 -20.16 15.25
C ILE C 97 14.21 -20.28 16.42
N GLY C 98 12.93 -20.46 16.10
CA GLY C 98 11.92 -20.64 17.13
C GLY C 98 11.07 -21.80 16.70
N TYR C 99 10.22 -22.31 17.57
CA TYR C 99 9.44 -23.46 17.23
C TYR C 99 8.59 -23.72 18.43
N TRP C 100 7.44 -24.33 18.26
CA TRP C 100 6.64 -24.76 19.40
C TRP C 100 5.89 -25.95 18.95
N ILE C 101 5.46 -26.77 19.88
CA ILE C 101 4.72 -27.94 19.47
C ILE C 101 3.55 -28.24 20.42
N ALA C 102 2.55 -28.96 19.95
CA ALA C 102 1.39 -29.29 20.78
C ALA C 102 1.76 -30.43 21.69
N LYS C 103 1.18 -30.43 22.87
CA LYS C 103 1.71 -31.34 23.85
C LYS C 103 1.71 -32.78 23.38
N GLU C 104 0.60 -33.18 22.80
CA GLU C 104 0.38 -34.54 22.37
C GLU C 104 1.43 -35.02 21.44
N PHE C 105 2.32 -34.12 21.03
CA PHE C 105 3.30 -34.48 20.05
C PHE C 105 4.62 -34.31 20.68
N GLU C 106 4.66 -34.08 21.97
CA GLU C 106 5.95 -33.94 22.61
C GLU C 106 6.79 -35.21 22.68
N GLY C 107 8.09 -35.09 22.51
CA GLY C 107 8.92 -36.27 22.76
C GLY C 107 9.16 -37.27 21.66
N LYS C 108 8.88 -36.84 20.43
CA LYS C 108 9.10 -37.73 19.34
C LYS C 108 10.19 -37.17 18.54
N GLY C 109 10.87 -36.17 19.05
CA GLY C 109 11.88 -35.52 18.25
C GLY C 109 11.39 -34.79 17.02
N ILE C 110 10.18 -34.23 17.04
CA ILE C 110 9.81 -33.46 15.85
C ILE C 110 10.71 -32.23 15.76
N ILE C 111 10.83 -31.48 16.84
CA ILE C 111 11.56 -30.22 16.74
C ILE C 111 13.01 -30.36 16.29
N THR C 112 13.74 -31.25 16.99
CA THR C 112 15.14 -31.44 16.64
C THR C 112 15.26 -31.72 15.15
N ALA C 113 14.66 -32.83 14.73
CA ALA C 113 14.68 -33.22 13.34
C ALA C 113 14.35 -32.05 12.39
N ALA C 114 13.31 -31.28 12.67
CA ALA C 114 12.98 -30.16 11.86
C ALA C 114 14.02 -29.01 11.92
N CYS C 115 14.58 -28.71 13.10
CA CYS C 115 15.64 -27.67 13.20
C CYS C 115 16.84 -28.06 12.30
N ARG C 116 17.24 -29.34 12.28
CA ARG C 116 18.33 -29.72 11.39
C ARG C 116 18.02 -29.39 9.91
N LYS C 117 16.84 -29.75 9.40
CA LYS C 117 16.62 -29.33 8.03
C LYS C 117 16.80 -27.82 7.92
N LEU C 118 16.24 -27.07 8.90
CA LEU C 118 16.23 -25.61 8.87
C LEU C 118 17.62 -25.03 8.87
N ILE C 119 18.48 -25.65 9.65
CA ILE C 119 19.81 -25.20 9.81
C ILE C 119 20.49 -25.42 8.48
N THR C 120 20.47 -26.68 8.04
CA THR C 120 21.09 -26.98 6.77
C THR C 120 20.83 -25.82 5.77
N TYR C 121 19.57 -25.48 5.61
CA TYR C 121 19.14 -24.44 4.74
C TYR C 121 19.77 -23.16 5.13
N ALA C 122 19.83 -22.91 6.42
CA ALA C 122 20.33 -21.63 6.83
C ALA C 122 21.77 -21.54 6.40
N PHE C 123 22.56 -22.59 6.66
CA PHE C 123 23.99 -22.56 6.35
C PHE C 123 24.34 -22.83 4.90
N GLU C 124 23.49 -23.49 4.12
CA GLU C 124 23.94 -23.82 2.75
C GLU C 124 23.10 -23.18 1.67
N GLU C 125 22.37 -22.11 1.97
CA GLU C 125 21.51 -21.48 0.98
C GLU C 125 21.39 -19.99 1.26
N LEU C 126 21.11 -19.62 2.49
CA LEU C 126 21.11 -18.20 2.77
C LEU C 126 22.57 -17.92 3.05
N GLU C 127 23.32 -19.01 3.18
CA GLU C 127 24.74 -18.97 3.47
C GLU C 127 25.07 -18.15 4.70
N LEU C 128 24.23 -18.23 5.73
CA LEU C 128 24.46 -17.51 6.97
C LEU C 128 25.64 -18.07 7.67
N ASN C 129 26.17 -17.30 8.61
CA ASN C 129 27.30 -17.72 9.39
C ASN C 129 26.89 -18.15 10.79
N ARG C 130 25.87 -17.52 11.30
CA ARG C 130 25.54 -17.77 12.67
C ARG C 130 24.08 -18.18 12.75
N VAL C 131 23.71 -19.06 13.63
CA VAL C 131 22.27 -19.27 13.80
C VAL C 131 22.04 -19.34 15.29
N ALA C 132 21.03 -18.67 15.82
CA ALA C 132 20.87 -18.83 17.29
C ALA C 132 19.53 -19.37 17.66
N ILE C 133 19.43 -19.86 18.88
CA ILE C 133 18.16 -20.27 19.41
C ILE C 133 18.07 -19.77 20.84
N CYS C 134 16.94 -19.23 21.24
CA CYS C 134 16.89 -18.85 22.61
C CYS C 134 15.69 -19.45 23.32
N ALA C 135 15.66 -19.41 24.63
CA ALA C 135 14.55 -20.06 25.28
C ALA C 135 14.48 -19.69 26.72
N ALA C 136 13.34 -19.96 27.32
CA ALA C 136 13.16 -19.60 28.69
C ALA C 136 14.00 -20.48 29.50
N VAL C 137 14.75 -19.86 30.40
CA VAL C 137 15.75 -20.50 31.28
C VAL C 137 15.33 -21.81 31.88
N GLY C 138 14.07 -21.87 32.27
CA GLY C 138 13.57 -23.07 32.91
C GLY C 138 12.72 -23.88 31.97
N ASN C 139 13.05 -23.84 30.70
CA ASN C 139 12.30 -24.61 29.73
C ASN C 139 13.14 -25.80 29.25
N GLU C 140 13.37 -26.68 30.19
CA GLU C 140 14.13 -27.85 29.87
C GLU C 140 13.77 -28.39 28.48
N LYS C 141 12.50 -28.67 28.20
CA LYS C 141 12.22 -29.30 26.91
C LYS C 141 12.70 -28.49 25.72
N SER C 142 12.62 -27.16 25.82
CA SER C 142 13.10 -26.36 24.71
C SER C 142 14.61 -26.28 24.64
N ARG C 143 15.19 -25.88 25.75
CA ARG C 143 16.63 -25.86 25.92
C ARG C 143 17.28 -27.13 25.32
N ALA C 144 16.61 -28.27 25.52
CA ALA C 144 17.18 -29.50 25.03
C ALA C 144 17.39 -29.45 23.55
N VAL C 145 16.69 -28.61 22.85
CA VAL C 145 16.87 -28.76 21.43
C VAL C 145 18.25 -28.33 20.91
N PRO C 146 18.65 -27.13 21.27
CA PRO C 146 19.96 -26.62 20.86
C PRO C 146 21.11 -27.54 21.35
N GLU C 147 21.05 -27.91 22.61
CA GLU C 147 22.13 -28.67 23.22
C GLU C 147 22.35 -30.03 22.58
N ARG C 148 21.27 -30.60 22.02
CA ARG C 148 21.26 -31.91 21.37
C ARG C 148 21.90 -31.67 20.00
N ILE C 149 21.56 -30.61 19.29
CA ILE C 149 22.25 -30.44 18.03
C ILE C 149 23.72 -29.87 18.18
N GLY C 150 24.14 -29.53 19.39
CA GLY C 150 25.45 -28.94 19.52
C GLY C 150 25.72 -27.44 19.40
N PHE C 151 24.71 -26.60 19.66
CA PHE C 151 24.92 -25.15 19.79
C PHE C 151 25.74 -24.93 21.09
N LEU C 152 26.21 -23.72 21.34
CA LEU C 152 26.87 -23.43 22.59
C LEU C 152 26.09 -22.30 23.26
N GLU C 153 25.91 -22.38 24.58
CA GLU C 153 25.25 -21.35 25.38
C GLU C 153 26.11 -20.14 25.35
N GLU C 154 25.52 -19.01 25.07
CA GLU C 154 26.30 -17.83 24.72
C GLU C 154 26.19 -16.72 25.73
N GLY C 155 25.01 -16.70 26.41
CA GLY C 155 24.64 -15.71 27.41
C GLY C 155 23.20 -15.70 27.95
N LYS C 156 22.84 -14.69 28.71
CA LYS C 156 21.47 -14.67 29.16
C LYS C 156 20.84 -13.35 28.91
N ALA C 157 19.52 -13.34 28.80
CA ALA C 157 18.82 -12.08 28.72
C ALA C 157 18.10 -11.96 30.05
N ARG C 158 18.54 -11.02 30.88
CA ARG C 158 17.94 -10.77 32.17
C ARG C 158 16.57 -10.20 31.97
N ASP C 159 15.58 -10.95 32.44
CA ASP C 159 14.16 -10.63 32.32
C ASP C 159 13.79 -10.56 30.87
N GLY C 160 14.40 -11.33 30.01
CA GLY C 160 14.07 -11.17 28.62
C GLY C 160 12.71 -11.62 28.21
N LEU C 161 12.09 -12.45 29.03
CA LEU C 161 10.79 -12.97 28.67
C LEU C 161 9.83 -12.48 29.66
N TYR C 162 8.61 -12.30 29.23
CA TYR C 162 7.62 -11.79 30.15
C TYR C 162 6.41 -12.68 30.07
N VAL C 163 6.31 -13.75 30.84
CA VAL C 163 5.18 -14.68 30.74
C VAL C 163 4.06 -14.44 31.73
N ASN C 164 2.84 -14.62 31.30
CA ASN C 164 1.70 -14.48 32.20
C ASN C 164 1.96 -13.64 33.42
N GLY C 165 2.07 -12.33 33.26
CA GLY C 165 2.34 -11.46 34.40
C GLY C 165 3.80 -11.24 34.81
N HIS C 167 8.33 -11.87 34.86
CA HIS C 167 9.57 -11.94 34.10
C HIS C 167 10.44 -13.19 34.41
N HIS C 168 11.18 -13.66 33.38
CA HIS C 168 12.07 -14.81 33.45
C HIS C 168 13.21 -14.51 32.52
N ASP C 169 14.35 -15.16 32.72
CA ASP C 169 15.51 -14.95 31.88
C ASP C 169 15.46 -15.81 30.66
N LEU C 170 16.04 -15.25 29.63
CA LEU C 170 16.20 -15.91 28.39
C LEU C 170 17.67 -16.37 28.36
N VAL C 171 17.91 -17.61 28.00
CA VAL C 171 19.27 -17.98 27.73
C VAL C 171 19.50 -18.14 26.21
N TYR C 172 20.60 -17.63 25.67
CA TYR C 172 20.86 -17.72 24.25
C TYR C 172 21.77 -18.88 23.94
N TYR C 173 21.64 -19.47 22.75
CA TYR C 173 22.51 -20.52 22.21
C TYR C 173 22.85 -20.23 20.72
N SER C 174 24.05 -20.59 20.23
CA SER C 174 24.43 -20.29 18.85
C SER C 174 25.34 -21.33 18.18
N LEU C 175 25.16 -21.49 16.87
CA LEU C 175 25.91 -22.44 16.14
C LEU C 175 26.65 -21.69 15.02
N LEU C 176 27.97 -21.85 14.96
CA LEU C 176 28.69 -21.14 13.93
C LEU C 176 28.90 -22.04 12.78
N LYS C 177 28.54 -21.61 11.58
CA LYS C 177 28.69 -22.44 10.38
C LYS C 177 30.02 -23.16 10.21
N ARG C 178 31.11 -22.70 10.81
CA ARG C 178 32.34 -23.47 10.76
C ARG C 178 32.41 -24.58 11.83
N GLU C 179 31.34 -24.79 12.62
CA GLU C 179 31.37 -25.89 13.57
C GLU C 179 30.42 -26.95 13.07
N TRP C 180 30.53 -27.25 11.79
CA TRP C 180 29.57 -28.09 11.10
C TRP C 180 30.31 -28.71 9.94
N GLY D 1 17.01 -24.60 -1.92
CA GLY D 1 15.51 -24.62 -1.75
C GLY D 1 15.11 -25.31 -0.45
N PHE D 3 11.80 -25.36 0.57
CA PHE D 3 10.56 -25.98 0.12
C PHE D 3 10.65 -26.30 -1.32
N THR D 4 10.38 -27.54 -1.66
CA THR D 4 10.67 -27.93 -3.00
C THR D 4 9.73 -28.98 -3.50
N CYS D 5 9.82 -29.25 -4.79
CA CYS D 5 8.95 -30.25 -5.36
C CYS D 5 9.80 -31.23 -6.12
N LYS D 6 9.93 -32.45 -5.61
CA LYS D 6 10.69 -33.42 -6.36
C LYS D 6 9.72 -34.09 -7.31
N VAL D 7 9.92 -33.93 -8.61
CA VAL D 7 9.10 -34.67 -9.56
C VAL D 7 9.65 -36.09 -9.68
N ASN D 8 10.89 -36.18 -10.15
CA ASN D 8 11.64 -37.45 -10.12
C ASN D 8 13.13 -37.16 -9.92
N GLU D 9 13.94 -38.18 -9.77
CA GLU D 9 15.30 -37.91 -9.36
C GLU D 9 16.03 -37.01 -10.33
N HIS D 10 15.34 -36.58 -11.37
CA HIS D 10 15.94 -35.67 -12.35
C HIS D 10 15.26 -34.34 -12.50
N ILE D 11 13.96 -34.35 -12.23
CA ILE D 11 13.19 -33.16 -12.40
C ILE D 11 12.68 -32.60 -11.08
N THR D 12 12.89 -31.30 -10.95
CA THR D 12 12.56 -30.56 -9.77
C THR D 12 11.88 -29.22 -10.06
N ILE D 13 10.88 -28.90 -9.28
CA ILE D 13 10.20 -27.65 -9.46
C ILE D 13 10.39 -26.74 -8.24
N ARG D 14 10.76 -25.50 -8.46
CA ARG D 14 10.83 -24.64 -7.31
C ARG D 14 10.59 -23.22 -7.74
N LEU D 15 10.14 -22.42 -6.78
CA LEU D 15 9.80 -21.02 -6.95
C LEU D 15 11.07 -20.27 -7.22
N LEU D 16 11.14 -19.35 -8.17
CA LEU D 16 12.43 -18.67 -8.35
C LEU D 16 12.60 -17.74 -7.24
N GLU D 17 13.82 -17.29 -7.06
CA GLU D 17 14.22 -16.30 -6.07
C GLU D 17 15.00 -15.26 -6.88
N PRO D 18 15.34 -14.12 -6.30
CA PRO D 18 16.05 -13.13 -7.09
C PRO D 18 17.38 -13.63 -7.61
N LYS D 19 18.12 -14.43 -6.84
CA LYS D 19 19.46 -14.84 -7.27
C LYS D 19 19.34 -15.70 -8.54
N ASP D 20 18.12 -16.08 -8.86
CA ASP D 20 17.89 -16.84 -10.07
C ASP D 20 17.84 -15.88 -11.27
N ALA D 21 18.09 -14.61 -11.03
CA ALA D 21 17.96 -13.62 -12.08
C ALA D 21 18.89 -13.86 -13.25
N GLU D 22 20.15 -14.11 -12.95
CA GLU D 22 21.09 -14.22 -14.00
C GLU D 22 20.74 -15.39 -14.94
N ARG D 23 20.74 -16.60 -14.42
CA ARG D 23 20.49 -17.77 -15.25
C ARG D 23 19.21 -17.66 -16.10
N LEU D 24 18.12 -17.24 -15.48
CA LEU D 24 16.89 -17.13 -16.19
C LEU D 24 17.08 -16.23 -17.37
N ALA D 25 17.60 -15.05 -17.06
CA ALA D 25 17.84 -14.01 -18.06
C ALA D 25 18.69 -14.55 -19.19
N GLU D 26 19.81 -15.16 -18.83
CA GLU D 26 20.69 -15.71 -19.83
C GLU D 26 19.92 -16.85 -20.46
N LEU D 27 19.26 -17.65 -19.64
CA LEU D 27 18.60 -18.82 -20.19
C LEU D 27 17.49 -18.50 -21.13
N ILE D 28 17.19 -17.21 -21.30
CA ILE D 28 16.06 -16.85 -22.13
C ILE D 28 16.61 -16.16 -23.30
N ILE D 29 17.91 -15.92 -23.27
CA ILE D 29 18.49 -15.24 -24.39
C ILE D 29 18.97 -16.32 -25.36
N GLN D 30 19.53 -17.40 -24.82
CA GLN D 30 20.07 -18.56 -25.56
C GLN D 30 19.03 -19.23 -26.44
N ASN D 31 17.79 -18.78 -26.29
CA ASN D 31 16.66 -19.36 -26.96
C ASN D 31 15.74 -18.23 -27.37
N GLN D 32 16.33 -17.04 -27.52
CA GLN D 32 15.58 -15.82 -27.75
C GLN D 32 14.78 -15.74 -29.06
N GLN D 33 14.89 -16.75 -29.91
CA GLN D 33 14.13 -16.70 -31.16
C GLN D 33 13.37 -18.01 -31.29
N ARG D 34 12.17 -18.03 -30.72
CA ARG D 34 11.38 -19.24 -30.66
C ARG D 34 10.41 -19.13 -29.51
N LEU D 35 10.96 -18.89 -28.34
CA LEU D 35 10.22 -18.89 -27.08
C LEU D 35 8.86 -18.11 -26.98
N GLY D 36 8.36 -17.65 -28.11
CA GLY D 36 7.12 -16.90 -28.09
C GLY D 36 5.92 -17.74 -28.50
N LYS D 37 6.18 -18.81 -29.22
CA LYS D 37 5.10 -19.71 -29.60
C LYS D 37 4.57 -20.40 -28.34
N TRP D 38 5.42 -20.55 -27.35
CA TRP D 38 5.02 -21.21 -26.11
C TRP D 38 4.45 -20.16 -25.18
N LEU D 39 3.37 -19.50 -25.58
CA LEU D 39 2.74 -18.45 -24.79
C LEU D 39 3.53 -17.85 -23.61
N PHE D 40 4.61 -17.13 -23.90
CA PHE D 40 5.29 -16.33 -22.88
C PHE D 40 5.37 -14.96 -23.51
N PHE D 41 6.35 -14.84 -24.41
CA PHE D 41 6.55 -13.69 -25.29
C PHE D 41 7.85 -12.92 -25.01
N ALA D 42 8.96 -13.62 -25.22
CA ALA D 42 10.29 -13.04 -25.08
C ALA D 42 10.85 -12.89 -26.48
N GLU D 43 10.33 -11.87 -27.18
CA GLU D 43 10.78 -11.54 -28.51
C GLU D 43 11.74 -10.43 -28.24
N ASN D 44 11.46 -9.71 -27.17
CA ASN D 44 12.33 -8.62 -26.78
C ASN D 44 12.66 -8.64 -25.30
N PRO D 45 13.74 -9.37 -25.09
CA PRO D 45 14.52 -9.44 -23.90
C PRO D 45 14.23 -9.14 -22.51
N SER D 46 14.77 -10.14 -21.85
CA SER D 46 14.85 -10.27 -20.44
C SER D 46 15.90 -9.23 -20.07
N SER D 47 16.14 -9.05 -18.77
CA SER D 47 17.14 -8.06 -18.31
C SER D 47 18.04 -8.49 -17.14
N ALA D 48 17.58 -9.41 -16.30
CA ALA D 48 18.33 -9.93 -15.16
C ALA D 48 18.18 -8.96 -14.04
N ASP D 49 18.44 -7.70 -14.35
CA ASP D 49 18.26 -6.67 -13.34
C ASP D 49 16.75 -6.47 -13.14
N THR D 50 16.00 -6.50 -14.24
CA THR D 50 14.55 -6.42 -14.14
C THR D 50 14.02 -7.66 -13.47
N TYR D 51 14.67 -8.78 -13.70
CA TYR D 51 14.11 -9.98 -13.15
C TYR D 51 14.45 -9.97 -11.69
N ARG D 52 15.58 -9.39 -11.35
CA ARG D 52 15.95 -9.45 -9.96
C ARG D 52 15.07 -8.59 -9.09
N GLU D 53 14.74 -7.40 -9.55
CA GLU D 53 14.00 -6.47 -8.70
C GLU D 53 12.47 -6.41 -8.85
N THR D 54 11.93 -6.97 -9.92
CA THR D 54 10.50 -6.83 -10.11
C THR D 54 9.77 -8.13 -10.48
N ILE D 55 10.17 -8.78 -11.53
CA ILE D 55 9.40 -9.92 -11.95
C ILE D 55 9.43 -11.08 -11.00
N ILE D 56 10.58 -11.47 -10.54
CA ILE D 56 10.61 -12.58 -9.62
C ILE D 56 9.89 -12.20 -8.30
N PRO D 57 10.27 -11.09 -7.71
CA PRO D 57 9.56 -10.66 -6.50
C PRO D 57 8.05 -10.69 -6.74
N ASP D 58 7.58 -10.07 -7.82
CA ASP D 58 6.14 -10.12 -8.07
C ASP D 58 5.70 -11.61 -8.12
N TRP D 59 6.46 -12.45 -8.77
CA TRP D 59 5.99 -13.80 -8.86
C TRP D 59 5.79 -14.44 -7.44
N ARG D 60 6.75 -14.22 -6.56
CA ARG D 60 6.69 -14.82 -5.23
C ARG D 60 5.51 -14.23 -4.49
N ARG D 61 5.37 -12.92 -4.58
CA ARG D 61 4.30 -12.26 -3.90
C ARG D 61 3.00 -12.88 -4.34
N GLN D 62 2.99 -13.38 -5.55
CA GLN D 62 1.75 -13.85 -6.03
C GLN D 62 1.43 -15.23 -5.50
N TYR D 63 2.50 -15.99 -5.34
CA TYR D 63 2.41 -17.25 -4.78
C TYR D 63 1.96 -17.00 -3.35
N ALA D 64 2.51 -15.99 -2.71
CA ALA D 64 2.16 -15.74 -1.35
C ALA D 64 0.69 -15.48 -1.26
N ASP D 65 0.17 -14.70 -2.19
CA ASP D 65 -1.26 -14.42 -2.10
C ASP D 65 -2.17 -15.52 -2.66
N LEU D 66 -1.56 -16.51 -3.25
CA LEU D 66 -2.31 -17.63 -3.72
C LEU D 66 -2.97 -17.44 -5.06
N ASN D 67 -2.49 -16.58 -5.92
CA ASN D 67 -3.03 -16.75 -7.23
C ASN D 67 -2.04 -17.26 -8.19
N GLY D 68 -1.78 -18.52 -8.04
CA GLY D 68 -1.02 -19.22 -9.04
C GLY D 68 0.40 -19.43 -8.60
N ILE D 69 1.16 -20.05 -9.51
CA ILE D 69 2.51 -20.35 -9.29
C ILE D 69 3.34 -20.11 -10.52
N GLU D 70 4.33 -19.27 -10.46
CA GLU D 70 5.25 -19.13 -11.52
C GLU D 70 6.46 -19.76 -10.92
N ALA D 71 6.88 -20.88 -11.49
CA ALA D 71 7.95 -21.71 -10.91
C ALA D 71 9.06 -21.99 -11.91
N GLY D 72 10.22 -22.46 -11.47
CA GLY D 72 11.24 -22.80 -12.43
C GLY D 72 11.28 -24.31 -12.64
N LEU D 73 11.60 -24.78 -13.85
CA LEU D 73 11.87 -26.21 -14.03
C LEU D 73 13.36 -26.59 -13.81
N LEU D 74 13.59 -27.67 -13.11
CA LEU D 74 14.97 -28.07 -12.92
C LEU D 74 15.26 -29.53 -13.29
N TYR D 75 16.39 -29.69 -14.00
CA TYR D 75 16.93 -30.96 -14.47
C TYR D 75 18.30 -31.04 -13.94
N ASP D 76 18.58 -32.06 -13.14
CA ASP D 76 19.92 -32.24 -12.56
C ASP D 76 20.41 -30.96 -11.89
N GLY D 77 19.47 -30.17 -11.40
CA GLY D 77 19.84 -29.04 -10.60
C GLY D 77 19.99 -27.76 -11.36
N SER D 78 19.80 -27.80 -12.67
CA SER D 78 19.82 -26.54 -13.44
C SER D 78 18.48 -26.04 -14.06
N LEU D 79 18.28 -24.73 -13.98
CA LEU D 79 17.14 -24.10 -14.63
C LEU D 79 17.09 -24.42 -16.12
N CYS D 80 16.08 -25.18 -16.54
CA CYS D 80 15.91 -25.48 -17.97
C CYS D 80 14.77 -24.68 -18.54
N GLY D 81 13.81 -24.33 -17.69
CA GLY D 81 12.63 -23.57 -18.10
C GLY D 81 11.68 -23.33 -16.95
N ILE D 83 7.46 -23.55 -15.16
CA ILE D 83 6.12 -24.08 -15.28
C ILE D 83 5.20 -23.22 -14.46
N SER D 84 3.92 -23.28 -14.76
CA SER D 84 3.05 -22.26 -14.23
C SER D 84 1.61 -22.65 -14.04
N LEU D 85 0.98 -22.20 -12.96
CA LEU D 85 -0.45 -22.44 -12.81
C LEU D 85 -1.03 -21.06 -12.72
N HIS D 86 -1.86 -20.68 -13.68
CA HIS D 86 -2.43 -19.35 -13.69
C HIS D 86 -3.91 -19.30 -13.98
N ASN D 87 -4.44 -18.09 -14.16
CA ASN D 87 -5.86 -17.89 -14.27
C ASN D 87 -6.55 -18.77 -13.27
N LEU D 88 -6.17 -18.69 -12.00
CA LEU D 88 -6.83 -19.50 -10.98
C LEU D 88 -8.17 -18.92 -10.62
N ASP D 89 -9.25 -19.68 -10.76
CA ASP D 89 -10.57 -19.15 -10.51
C ASP D 89 -11.25 -20.14 -9.62
N GLN D 90 -11.06 -19.93 -8.30
CA GLN D 90 -11.59 -20.78 -7.22
C GLN D 90 -13.07 -20.99 -7.21
N VAL D 91 -13.85 -19.94 -7.30
CA VAL D 91 -15.29 -20.08 -7.45
C VAL D 91 -15.60 -21.07 -8.57
N ASN D 92 -14.95 -20.93 -9.73
CA ASN D 92 -15.32 -21.86 -10.80
C ASN D 92 -14.45 -23.05 -10.74
N ARG D 93 -13.62 -23.14 -9.71
CA ARG D 93 -12.82 -24.35 -9.51
C ARG D 93 -11.88 -24.72 -10.65
N LYS D 94 -11.25 -23.73 -11.26
CA LYS D 94 -10.42 -24.10 -12.43
C LYS D 94 -9.20 -23.22 -12.51
N ALA D 95 -8.19 -23.71 -13.21
CA ALA D 95 -6.97 -22.97 -13.50
C ALA D 95 -6.41 -23.36 -14.87
N GLU D 96 -5.36 -22.67 -15.30
CA GLU D 96 -4.73 -23.13 -16.52
C GLU D 96 -3.26 -23.37 -16.27
N ILE D 97 -2.64 -24.16 -17.16
CA ILE D 97 -1.22 -24.46 -17.07
C ILE D 97 -0.42 -24.03 -18.28
N GLY D 98 0.70 -23.41 -18.01
CA GLY D 98 1.61 -22.97 -19.04
C GLY D 98 2.99 -23.46 -18.72
N TYR D 99 3.85 -23.36 -19.71
CA TYR D 99 5.17 -23.90 -19.55
C TYR D 99 5.97 -23.59 -20.76
N TRP D 100 7.26 -23.82 -20.61
CA TRP D 100 8.23 -23.66 -21.68
C TRP D 100 9.54 -24.22 -21.22
N ILE D 101 10.38 -24.57 -22.19
CA ILE D 101 11.59 -25.29 -21.92
C ILE D 101 12.69 -24.94 -22.94
N ALA D 102 13.91 -24.83 -22.45
CA ALA D 102 15.05 -24.55 -23.30
C ALA D 102 15.21 -25.70 -24.28
N LYS D 103 15.49 -25.34 -25.54
CA LYS D 103 15.66 -26.28 -26.64
C LYS D 103 16.54 -27.47 -26.31
N GLU D 104 17.66 -27.22 -25.63
CA GLU D 104 18.61 -28.30 -25.33
C GLU D 104 17.90 -29.43 -24.59
N PHE D 105 16.93 -29.09 -23.75
CA PHE D 105 16.24 -30.11 -22.96
C PHE D 105 14.91 -30.60 -23.53
N GLU D 106 14.68 -30.27 -24.80
CA GLU D 106 13.53 -30.75 -25.53
C GLU D 106 13.68 -32.28 -25.60
N GLY D 107 12.58 -33.01 -25.47
CA GLY D 107 12.69 -34.46 -25.68
C GLY D 107 13.07 -35.45 -24.56
N LYS D 108 13.23 -34.97 -23.34
CA LYS D 108 13.49 -35.82 -22.19
C LYS D 108 12.20 -36.08 -21.38
N GLY D 109 11.03 -35.75 -21.90
CA GLY D 109 9.85 -35.86 -21.06
C GLY D 109 9.70 -34.98 -19.79
N ILE D 110 10.38 -33.82 -19.73
CA ILE D 110 10.34 -32.91 -18.56
C ILE D 110 8.99 -32.28 -18.37
N ILE D 111 8.53 -31.55 -19.39
CA ILE D 111 7.32 -30.83 -19.25
C ILE D 111 6.19 -31.79 -18.90
N THR D 112 6.11 -32.92 -19.59
CA THR D 112 5.02 -33.86 -19.36
C THR D 112 5.10 -34.34 -17.93
N ALA D 113 6.28 -34.59 -17.41
CA ALA D 113 6.34 -35.08 -16.06
C ALA D 113 6.01 -33.92 -15.09
N ALA D 114 6.49 -32.71 -15.37
CA ALA D 114 6.22 -31.65 -14.46
C ALA D 114 4.72 -31.38 -14.47
N CYS D 115 4.11 -31.38 -15.64
CA CYS D 115 2.70 -31.13 -15.63
C CYS D 115 1.96 -32.11 -14.76
N ARG D 116 2.37 -33.38 -14.78
CA ARG D 116 1.66 -34.38 -13.98
C ARG D 116 1.67 -34.05 -12.48
N LYS D 117 2.82 -33.73 -11.90
CA LYS D 117 2.73 -33.39 -10.50
C LYS D 117 1.82 -32.17 -10.38
N LEU D 118 2.05 -31.17 -11.23
CA LEU D 118 1.30 -29.95 -11.07
C LEU D 118 -0.22 -30.24 -11.18
N ILE D 119 -0.57 -31.19 -12.02
CA ILE D 119 -1.94 -31.59 -12.16
C ILE D 119 -2.33 -32.23 -10.87
N THR D 120 -1.52 -33.17 -10.36
CA THR D 120 -1.90 -33.79 -9.10
C THR D 120 -2.10 -32.71 -8.08
N TYR D 121 -1.21 -31.72 -8.10
CA TYR D 121 -1.35 -30.70 -7.09
C TYR D 121 -2.68 -29.98 -7.21
N ALA D 122 -3.01 -29.62 -8.44
CA ALA D 122 -4.23 -28.94 -8.67
C ALA D 122 -5.50 -29.74 -8.26
N PHE D 123 -5.52 -31.05 -8.42
CA PHE D 123 -6.75 -31.76 -8.13
C PHE D 123 -6.92 -32.20 -6.69
N GLU D 124 -5.81 -32.50 -6.04
CA GLU D 124 -5.90 -33.02 -4.70
C GLU D 124 -5.71 -31.92 -3.69
N GLU D 125 -4.85 -30.97 -3.97
CA GLU D 125 -4.65 -29.96 -2.97
C GLU D 125 -5.57 -28.77 -3.05
N LEU D 126 -5.68 -28.16 -4.24
CA LEU D 126 -6.51 -26.98 -4.39
C LEU D 126 -7.94 -27.43 -4.61
N GLU D 127 -8.14 -28.73 -4.78
CA GLU D 127 -9.49 -29.27 -4.95
C GLU D 127 -10.20 -28.66 -6.10
N LEU D 128 -9.42 -28.18 -7.06
CA LEU D 128 -9.90 -27.67 -8.32
C LEU D 128 -10.63 -28.78 -9.10
N ASN D 129 -11.38 -28.41 -10.12
CA ASN D 129 -12.17 -29.36 -10.88
C ASN D 129 -11.74 -29.41 -12.34
N ARG D 130 -11.11 -28.36 -12.83
CA ARG D 130 -10.62 -28.33 -14.19
C ARG D 130 -9.37 -27.58 -14.38
N VAL D 131 -8.58 -28.13 -15.29
CA VAL D 131 -7.28 -27.62 -15.58
C VAL D 131 -7.21 -27.57 -17.09
N ALA D 132 -6.74 -26.45 -17.64
CA ALA D 132 -6.62 -26.35 -19.09
C ALA D 132 -5.21 -25.95 -19.53
N ILE D 133 -4.81 -26.35 -20.70
CA ILE D 133 -3.58 -25.91 -21.29
C ILE D 133 -3.91 -25.28 -22.64
N CYS D 134 -3.26 -24.18 -23.01
CA CYS D 134 -3.55 -23.88 -24.39
C CYS D 134 -2.29 -23.73 -25.15
N ALA D 135 -2.37 -23.85 -26.46
CA ALA D 135 -1.17 -23.73 -27.26
C ALA D 135 -1.46 -23.15 -28.62
N ALA D 136 -0.51 -22.44 -29.22
CA ALA D 136 -0.78 -22.01 -30.54
C ALA D 136 -1.12 -23.24 -31.40
N VAL D 137 -2.28 -23.22 -32.02
CA VAL D 137 -2.67 -24.26 -32.96
C VAL D 137 -1.43 -24.75 -33.68
N GLY D 138 -0.67 -23.77 -34.15
CA GLY D 138 0.44 -24.01 -35.04
C GLY D 138 1.60 -24.81 -34.51
N ASN D 139 1.78 -25.98 -35.08
CA ASN D 139 2.89 -26.84 -34.72
C ASN D 139 3.01 -27.02 -33.20
N GLU D 140 3.12 -28.27 -32.78
CA GLU D 140 3.41 -28.26 -31.41
C GLU D 140 3.92 -29.43 -30.64
N LYS D 141 5.20 -29.26 -30.35
CA LYS D 141 5.82 -29.96 -29.27
C LYS D 141 4.91 -29.54 -28.12
N SER D 142 4.43 -28.31 -28.13
CA SER D 142 3.59 -27.90 -27.03
C SER D 142 2.19 -28.56 -26.94
N ARG D 143 1.49 -28.69 -28.05
CA ARG D 143 0.22 -29.37 -27.99
C ARG D 143 0.49 -30.81 -27.60
N ALA D 144 1.70 -31.31 -27.82
CA ALA D 144 1.96 -32.73 -27.57
C ALA D 144 1.85 -33.02 -26.10
N VAL D 145 2.13 -32.00 -25.28
CA VAL D 145 2.01 -32.23 -23.86
C VAL D 145 0.59 -32.59 -23.38
N PRO D 146 -0.43 -31.74 -23.58
CA PRO D 146 -1.81 -32.12 -23.18
C PRO D 146 -2.29 -33.47 -23.80
N GLU D 147 -1.75 -33.78 -24.97
CA GLU D 147 -2.22 -34.98 -25.62
C GLU D 147 -1.64 -36.25 -25.05
N ARG D 148 -0.39 -36.27 -24.55
CA ARG D 148 0.00 -37.50 -23.83
C ARG D 148 -0.59 -37.59 -22.43
N ILE D 149 -0.86 -36.48 -21.79
CA ILE D 149 -1.45 -36.63 -20.50
C ILE D 149 -2.93 -37.01 -20.63
N GLY D 150 -3.58 -36.64 -21.71
CA GLY D 150 -4.98 -37.05 -21.83
C GLY D 150 -6.00 -35.95 -21.71
N PHE D 151 -5.62 -34.76 -22.14
CA PHE D 151 -6.58 -33.69 -22.11
C PHE D 151 -7.43 -33.83 -23.38
N LEU D 152 -8.50 -33.06 -23.51
CA LEU D 152 -9.31 -33.09 -24.73
C LEU D 152 -9.31 -31.71 -25.32
N GLU D 153 -9.17 -31.66 -26.62
CA GLU D 153 -9.34 -30.42 -27.28
C GLU D 153 -10.74 -29.93 -26.95
N GLU D 154 -10.90 -28.68 -26.62
CA GLU D 154 -12.27 -28.24 -26.39
C GLU D 154 -12.68 -27.13 -27.30
N GLY D 155 -11.71 -26.45 -27.90
CA GLY D 155 -12.01 -25.30 -28.72
C GLY D 155 -10.83 -24.50 -29.21
N LYS D 156 -11.12 -23.45 -29.97
CA LYS D 156 -10.06 -22.58 -30.40
C LYS D 156 -10.36 -21.15 -30.05
N ALA D 157 -9.33 -20.33 -29.97
CA ALA D 157 -9.54 -18.92 -29.74
C ALA D 157 -8.98 -18.30 -30.99
N ARG D 158 -9.86 -17.71 -31.77
CA ARG D 158 -9.46 -17.12 -33.02
C ARG D 158 -8.59 -15.92 -32.72
N ASP D 159 -7.37 -15.88 -33.26
CA ASP D 159 -6.47 -14.72 -33.09
C ASP D 159 -6.13 -14.51 -31.62
N GLY D 160 -6.05 -15.61 -30.87
CA GLY D 160 -5.88 -15.61 -29.43
C GLY D 160 -4.52 -15.15 -28.95
N LEU D 161 -3.59 -15.16 -29.89
CA LEU D 161 -2.21 -14.83 -29.60
C LEU D 161 -1.77 -13.76 -30.53
N TYR D 162 -0.81 -12.98 -30.10
CA TYR D 162 -0.27 -11.97 -30.95
C TYR D 162 1.20 -12.01 -30.66
N VAL D 163 1.86 -12.92 -31.34
CA VAL D 163 3.31 -13.08 -31.21
C VAL D 163 3.95 -12.57 -32.49
N ASN D 164 5.07 -11.87 -32.33
CA ASN D 164 5.87 -11.31 -33.40
C ASN D 164 5.09 -10.70 -34.52
N GLY D 165 4.22 -9.74 -34.25
CA GLY D 165 3.43 -9.09 -35.29
C GLY D 165 2.34 -9.95 -35.92
N HIS D 167 -0.86 -12.86 -35.94
CA HIS D 167 -2.03 -13.39 -35.30
C HIS D 167 -2.04 -14.91 -35.46
N HIS D 168 -2.17 -15.66 -34.38
CA HIS D 168 -2.33 -17.12 -34.47
C HIS D 168 -3.54 -17.66 -33.71
N ASP D 169 -4.01 -18.81 -34.10
CA ASP D 169 -5.09 -19.29 -33.28
C ASP D 169 -4.46 -19.99 -32.10
N LEU D 170 -5.25 -20.11 -31.05
CA LEU D 170 -4.88 -20.77 -29.82
C LEU D 170 -5.83 -21.92 -29.72
N VAL D 171 -5.33 -23.13 -29.45
CA VAL D 171 -6.25 -24.22 -29.23
C VAL D 171 -6.31 -24.58 -27.74
N TYR D 172 -7.53 -24.72 -27.18
CA TYR D 172 -7.73 -25.16 -25.76
C TYR D 172 -7.90 -26.64 -25.52
N TYR D 173 -7.22 -27.12 -24.47
CA TYR D 173 -7.39 -28.49 -24.02
C TYR D 173 -7.73 -28.45 -22.57
N SER D 174 -8.68 -29.29 -22.17
CA SER D 174 -9.07 -29.34 -20.73
C SER D 174 -9.11 -30.75 -20.20
N LEU D 175 -8.89 -30.88 -18.89
CA LEU D 175 -8.83 -32.15 -18.20
C LEU D 175 -9.68 -32.02 -16.97
N LEU D 176 -10.70 -32.87 -16.82
CA LEU D 176 -11.52 -32.83 -15.59
C LEU D 176 -11.04 -33.80 -14.47
N LYS D 177 -11.17 -33.36 -13.22
CA LYS D 177 -10.84 -34.20 -12.06
C LYS D 177 -11.41 -35.62 -12.16
N ARG D 178 -12.67 -35.76 -12.53
CA ARG D 178 -13.22 -37.07 -12.68
C ARG D 178 -12.57 -37.88 -13.77
N GLU D 179 -11.89 -37.23 -14.72
CA GLU D 179 -11.30 -37.99 -15.82
C GLU D 179 -9.88 -38.41 -15.46
N TRP D 180 -9.34 -37.79 -14.43
CA TRP D 180 -7.93 -37.98 -14.13
C TRP D 180 -7.49 -39.15 -13.22
N GLY E 1 6.44 12.29 26.85
CA GLY E 1 6.66 12.75 25.42
C GLY E 1 8.16 12.99 25.35
N PHE E 3 9.70 14.04 22.44
CA PHE E 3 9.89 15.19 21.60
C PHE E 3 8.76 16.13 21.83
N THR E 4 9.04 17.34 22.20
CA THR E 4 7.97 18.13 22.74
C THR E 4 8.17 19.61 22.43
N CYS E 5 7.13 20.39 22.63
CA CYS E 5 7.22 21.84 22.41
C CYS E 5 6.82 22.56 23.67
N LYS E 6 7.81 23.09 24.36
CA LYS E 6 7.56 23.81 25.60
C LYS E 6 7.25 25.23 25.22
N VAL E 7 5.98 25.62 25.31
CA VAL E 7 5.58 26.97 25.00
C VAL E 7 6.05 27.80 26.14
N ASN E 8 5.61 27.41 27.33
CA ASN E 8 6.10 28.00 28.59
C ASN E 8 5.84 27.08 29.77
N GLU E 9 6.28 27.45 30.95
CA GLU E 9 6.13 26.57 32.12
C GLU E 9 4.73 25.98 32.17
N HIS E 10 3.81 26.54 31.38
CA HIS E 10 2.41 26.20 31.49
C HIS E 10 1.89 25.36 30.36
N ILE E 11 2.31 25.73 29.17
CA ILE E 11 1.75 25.15 27.99
C ILE E 11 2.78 24.41 27.20
N THR E 12 2.43 23.18 26.85
CA THR E 12 3.22 22.38 25.92
C THR E 12 2.39 21.79 24.76
N ILE E 13 3.04 21.63 23.61
CA ILE E 13 2.39 21.09 22.44
C ILE E 13 3.18 19.86 22.08
N ARG E 14 2.52 18.80 21.61
CA ARG E 14 3.18 17.53 21.33
C ARG E 14 2.26 16.64 20.49
N LEU E 15 2.79 15.71 19.69
CA LEU E 15 1.92 14.84 18.91
C LEU E 15 1.11 13.96 19.85
N LEU E 16 -0.07 13.51 19.48
CA LEU E 16 -0.84 12.60 20.30
C LEU E 16 -0.37 11.17 20.04
N GLU E 17 -0.71 10.27 20.94
CA GLU E 17 -0.38 8.87 20.72
C GLU E 17 -1.72 8.16 20.80
N PRO E 18 -1.80 6.90 20.36
CA PRO E 18 -3.03 6.14 20.56
C PRO E 18 -3.54 6.13 21.99
N LYS E 19 -2.63 6.24 22.96
CA LYS E 19 -3.01 6.19 24.38
C LYS E 19 -3.79 7.45 24.80
N ASP E 20 -3.62 8.53 24.03
CA ASP E 20 -4.33 9.77 24.24
C ASP E 20 -5.79 9.59 23.82
N ALA E 21 -6.11 8.47 23.18
CA ALA E 21 -7.46 8.28 22.70
C ALA E 21 -8.50 8.56 23.78
N GLU E 22 -8.54 7.73 24.80
CA GLU E 22 -9.59 7.87 25.79
C GLU E 22 -9.92 9.34 26.10
N ARG E 23 -8.88 10.11 26.44
CA ARG E 23 -9.10 11.47 26.89
C ARG E 23 -9.38 12.52 25.78
N LEU E 24 -9.40 12.09 24.53
CA LEU E 24 -9.63 13.04 23.47
C LEU E 24 -11.07 12.87 23.11
N ALA E 25 -11.54 11.63 23.19
CA ALA E 25 -12.91 11.35 22.84
C ALA E 25 -13.75 11.92 23.94
N GLU E 26 -13.20 11.81 25.11
CA GLU E 26 -13.90 12.19 26.31
C GLU E 26 -13.95 13.69 26.42
N LEU E 27 -12.82 14.34 26.14
CA LEU E 27 -12.74 15.79 26.27
C LEU E 27 -13.61 16.48 25.23
N ILE E 28 -13.82 15.80 24.11
CA ILE E 28 -14.64 16.36 23.05
C ILE E 28 -16.14 16.23 23.33
N ILE E 29 -16.54 15.14 23.98
CA ILE E 29 -17.95 14.89 24.25
C ILE E 29 -18.40 15.71 25.41
N GLN E 30 -17.47 15.98 26.30
CA GLN E 30 -17.71 16.84 27.43
C GLN E 30 -18.33 18.07 26.83
N ASN E 31 -18.24 18.16 25.52
CA ASN E 31 -18.48 19.38 24.79
C ASN E 31 -19.01 19.05 23.38
N GLN E 32 -20.16 18.35 23.32
CA GLN E 32 -20.69 17.81 22.04
C GLN E 32 -20.41 18.77 20.89
N GLN E 33 -21.29 19.76 20.77
CA GLN E 33 -20.98 20.82 19.86
C GLN E 33 -20.63 22.08 20.59
N ARG E 34 -19.46 22.55 20.22
CA ARG E 34 -18.96 23.85 20.55
C ARG E 34 -17.82 23.77 19.57
N LEU E 35 -17.93 22.79 18.67
CA LEU E 35 -16.77 22.38 17.83
C LEU E 35 -16.76 22.63 16.34
N GLY E 36 -17.91 22.58 15.70
CA GLY E 36 -17.93 22.74 14.26
C GLY E 36 -17.73 24.21 13.95
N LYS E 37 -17.95 25.02 14.97
CA LYS E 37 -17.71 26.42 14.83
C LYS E 37 -16.21 26.62 14.87
N TRP E 38 -15.57 25.88 15.78
CA TRP E 38 -14.13 25.92 15.99
C TRP E 38 -13.41 25.27 14.82
N LEU E 39 -14.20 24.93 13.80
CA LEU E 39 -13.70 24.34 12.55
C LEU E 39 -13.01 22.95 12.66
N PHE E 40 -13.63 22.05 13.42
CA PHE E 40 -13.27 20.64 13.53
C PHE E 40 -14.40 19.95 12.75
N PHE E 41 -15.41 19.50 13.50
CA PHE E 41 -16.68 19.22 12.82
C PHE E 41 -17.72 18.58 13.71
N GLU E 43 -21.14 17.13 13.68
CA GLU E 43 -20.39 16.59 14.81
C GLU E 43 -20.58 15.08 14.92
N ASN E 44 -21.52 14.67 15.77
CA ASN E 44 -21.80 13.26 16.08
C ASN E 44 -20.55 12.56 16.62
N PRO E 45 -20.08 13.05 17.75
CA PRO E 45 -18.78 12.72 18.33
C PRO E 45 -18.31 11.26 18.27
N SER E 46 -17.18 11.03 17.60
CA SER E 46 -16.70 9.66 17.44
C SER E 46 -15.95 9.11 18.65
N SER E 47 -15.91 7.77 18.77
CA SER E 47 -15.36 7.05 19.92
C SER E 47 -13.85 6.94 20.12
N ALA E 48 -13.47 6.45 21.29
CA ALA E 48 -12.06 6.26 21.60
C ALA E 48 -11.37 5.24 20.69
N ASP E 49 -12.06 4.19 20.28
CA ASP E 49 -11.44 3.21 19.41
C ASP E 49 -11.02 3.83 18.11
N THR E 50 -11.94 4.53 17.45
CA THR E 50 -11.62 5.09 16.15
C THR E 50 -10.51 6.15 16.20
N TYR E 51 -10.36 6.82 17.34
CA TYR E 51 -9.24 7.76 17.56
C TYR E 51 -7.93 6.99 17.81
N ARG E 52 -8.01 5.93 18.59
CA ARG E 52 -6.85 5.08 18.84
C ARG E 52 -6.39 4.26 17.61
N GLU E 53 -7.29 3.82 16.76
CA GLU E 53 -6.81 2.98 15.71
C GLU E 53 -6.69 3.60 14.32
N THR E 54 -7.36 4.73 14.13
CA THR E 54 -7.30 5.37 12.83
C THR E 54 -6.86 6.83 12.84
N ILE E 55 -7.65 7.66 13.48
CA ILE E 55 -7.38 9.06 13.49
C ILE E 55 -6.00 9.41 14.05
N ILE E 56 -5.66 8.94 15.24
CA ILE E 56 -4.37 9.36 15.72
C ILE E 56 -3.16 8.83 14.90
N PRO E 57 -3.12 7.55 14.58
CA PRO E 57 -2.10 7.08 13.66
C PRO E 57 -2.08 7.89 12.36
N ASP E 58 -3.24 8.15 11.75
CA ASP E 58 -3.18 8.93 10.51
C ASP E 58 -2.55 10.30 10.72
N TRP E 59 -2.81 10.91 11.86
CA TRP E 59 -2.25 12.20 12.15
C TRP E 59 -0.73 12.09 12.28
N ARG E 60 -0.28 11.01 12.92
CA ARG E 60 1.11 10.84 13.10
C ARG E 60 1.75 10.58 11.77
N ARG E 61 1.19 9.72 10.93
CA ARG E 61 1.83 9.49 9.64
C ARG E 61 1.92 10.77 8.84
N GLN E 62 0.94 11.62 9.03
CA GLN E 62 0.95 12.85 8.28
C GLN E 62 2.04 13.70 8.72
N TYR E 63 2.29 13.72 10.00
CA TYR E 63 3.42 14.44 10.47
C TYR E 63 4.75 13.82 9.95
N ALA E 64 4.82 12.51 9.87
CA ALA E 64 6.06 11.95 9.44
C ALA E 64 6.32 12.37 7.99
N ASP E 65 5.27 12.38 7.18
CA ASP E 65 5.47 12.78 5.80
C ASP E 65 5.66 14.27 5.69
N LEU E 66 5.44 14.97 6.76
CA LEU E 66 5.72 16.37 6.65
C LEU E 66 4.63 17.24 6.00
N ASN E 67 3.36 16.88 6.13
CA ASN E 67 2.43 17.90 5.74
C ASN E 67 1.43 18.16 6.82
N GLY E 68 1.81 19.06 7.66
CA GLY E 68 0.87 19.51 8.64
C GLY E 68 1.20 18.98 9.98
N ILE E 69 0.75 19.70 10.98
CA ILE E 69 0.82 19.14 12.28
C ILE E 69 -0.56 19.06 12.81
N GLU E 70 -0.93 17.96 13.42
CA GLU E 70 -2.16 17.94 14.17
C GLU E 70 -1.59 17.57 15.51
N ALA E 71 -1.50 18.53 16.40
CA ALA E 71 -0.92 18.36 17.72
C ALA E 71 -1.91 18.58 18.87
N GLY E 72 -1.67 17.93 20.01
CA GLY E 72 -2.44 18.16 21.22
C GLY E 72 -1.95 19.38 21.97
N LEU E 73 -2.85 20.11 22.63
CA LEU E 73 -2.48 21.23 23.48
C LEU E 73 -2.45 20.79 24.93
N LEU E 74 -1.29 20.88 25.59
CA LEU E 74 -1.19 20.50 27.00
C LEU E 74 -0.98 21.67 27.97
N TYR E 75 -1.98 22.00 28.77
CA TYR E 75 -1.85 23.07 29.77
C TYR E 75 -1.47 22.47 31.10
N ASP E 76 -0.23 22.71 31.50
CA ASP E 76 0.27 22.22 32.76
C ASP E 76 -0.12 20.79 33.01
N GLY E 77 0.45 19.94 32.17
CA GLY E 77 0.30 18.53 32.36
C GLY E 77 -0.74 17.96 31.45
N SER E 78 -1.96 18.49 31.44
CA SER E 78 -2.96 17.77 30.67
C SER E 78 -3.59 18.40 29.44
N LEU E 79 -4.18 17.50 28.65
CA LEU E 79 -4.81 17.69 27.35
C LEU E 79 -6.02 18.61 27.37
N CYS E 80 -5.86 19.83 26.91
CA CYS E 80 -6.96 20.75 27.01
C CYS E 80 -7.36 21.27 25.65
N GLY E 81 -6.75 20.76 24.60
CA GLY E 81 -7.20 21.18 23.29
C GLY E 81 -6.35 20.71 22.15
N ILE E 83 -4.21 22.16 18.55
CA ILE E 83 -3.86 23.21 17.63
C ILE E 83 -3.40 22.53 16.34
N SER E 84 -3.44 23.21 15.20
CA SER E 84 -2.94 22.47 14.00
C SER E 84 -2.53 23.29 12.82
N LEU E 85 -1.69 22.71 11.98
CA LEU E 85 -1.19 23.40 10.79
C LEU E 85 -1.61 22.55 9.64
N HIS E 86 -2.46 23.09 8.75
CA HIS E 86 -2.97 22.39 7.57
C HIS E 86 -2.96 23.21 6.26
N ASN E 87 -3.59 22.65 5.23
CA ASN E 87 -3.45 23.14 3.88
C ASN E 87 -2.07 23.72 3.67
N LEU E 88 -1.08 22.89 3.98
CA LEU E 88 0.28 23.29 3.81
C LEU E 88 0.56 23.28 2.36
N ASP E 89 0.75 24.44 1.75
CA ASP E 89 1.02 24.53 0.29
C ASP E 89 2.43 24.93 -0.05
N GLN E 90 3.29 23.96 -0.23
CA GLN E 90 4.70 24.20 -0.45
C GLN E 90 5.10 25.02 -1.67
N VAL E 91 4.56 24.70 -2.85
CA VAL E 91 4.79 25.55 -4.01
C VAL E 91 4.36 27.00 -3.69
N ASN E 92 3.19 27.22 -3.07
CA ASN E 92 2.86 28.61 -2.73
C ASN E 92 3.36 29.05 -1.38
N ARG E 93 4.15 28.21 -0.73
CA ARG E 93 4.71 28.54 0.57
C ARG E 93 3.72 29.11 1.56
N LYS E 94 2.67 28.35 1.87
CA LYS E 94 1.67 28.83 2.83
C LYS E 94 0.97 27.67 3.50
N ALA E 95 0.38 27.92 4.65
CA ALA E 95 -0.45 26.95 5.33
C ALA E 95 -1.56 27.66 6.07
N GLU E 96 -2.41 26.92 6.73
CA GLU E 96 -3.44 27.57 7.50
C GLU E 96 -3.35 26.99 8.91
N ILE E 97 -3.58 27.80 9.96
CA ILE E 97 -3.56 27.25 11.32
C ILE E 97 -4.97 27.13 11.90
N GLY E 98 -5.26 26.08 12.64
CA GLY E 98 -6.56 25.98 13.28
C GLY E 98 -6.33 25.48 14.69
N TYR E 99 -7.37 25.50 15.52
CA TYR E 99 -7.21 25.12 16.92
C TYR E 99 -8.55 25.03 17.58
N TRP E 100 -8.53 24.50 18.79
CA TRP E 100 -9.69 24.47 19.66
C TRP E 100 -9.18 24.02 21.00
N ILE E 101 -9.85 24.48 22.03
CA ILE E 101 -9.49 24.21 23.40
C ILE E 101 -10.81 24.05 24.17
N ALA E 102 -10.79 23.36 25.32
CA ALA E 102 -12.01 23.15 26.12
C ALA E 102 -12.58 24.42 26.81
N LYS E 103 -13.85 24.31 27.20
CA LYS E 103 -14.54 25.35 27.96
C LYS E 103 -14.13 24.97 29.35
N GLU E 104 -13.05 25.55 29.82
CA GLU E 104 -12.51 25.04 31.06
C GLU E 104 -11.12 25.56 31.08
N PHE E 105 -10.65 25.98 29.91
CA PHE E 105 -9.28 26.44 29.74
C PHE E 105 -9.27 27.79 29.04
N GLU E 106 -10.46 28.34 28.90
CA GLU E 106 -10.58 29.64 28.27
C GLU E 106 -9.95 30.70 29.14
N GLY E 107 -9.49 31.78 28.50
CA GLY E 107 -8.94 32.91 29.24
C GLY E 107 -7.43 32.96 29.48
N LYS E 108 -6.82 31.78 29.62
CA LYS E 108 -5.41 31.66 30.00
C LYS E 108 -4.41 31.96 28.89
N GLY E 109 -4.94 32.42 27.76
CA GLY E 109 -4.10 32.77 26.62
C GLY E 109 -3.41 31.58 26.00
N ILE E 110 -3.94 30.39 26.27
CA ILE E 110 -3.38 29.18 25.71
C ILE E 110 -3.27 29.21 24.17
N ILE E 111 -4.38 29.40 23.51
CA ILE E 111 -4.32 29.35 22.07
C ILE E 111 -3.31 30.32 21.48
N THR E 112 -3.37 31.55 21.98
CA THR E 112 -2.54 32.63 21.51
C THR E 112 -1.08 32.21 21.64
N ALA E 113 -0.72 31.69 22.81
CA ALA E 113 0.64 31.32 23.06
C ALA E 113 1.08 30.14 22.18
N ALA E 114 0.21 29.17 22.01
CA ALA E 114 0.64 28.02 21.22
C ALA E 114 0.74 28.44 19.77
N CYS E 115 -0.16 29.31 19.33
CA CYS E 115 -0.10 29.76 17.96
C CYS E 115 1.23 30.39 17.67
N ARG E 116 1.64 31.35 18.49
CA ARG E 116 2.95 31.99 18.28
C ARG E 116 4.07 30.98 17.94
N LYS E 117 4.44 30.08 18.85
CA LYS E 117 5.44 29.10 18.45
C LYS E 117 5.11 28.45 17.08
N LEU E 118 3.85 28.13 16.83
CA LEU E 118 3.52 27.37 15.62
C LEU E 118 3.88 28.20 14.42
N ILE E 119 3.55 29.48 14.54
CA ILE E 119 3.82 30.47 13.54
C ILE E 119 5.35 30.62 13.37
N THR E 120 6.06 30.65 14.49
CA THR E 120 7.51 30.83 14.43
C THR E 120 8.16 29.67 13.71
N TYR E 121 7.65 28.49 14.00
CA TYR E 121 8.12 27.30 13.31
C TYR E 121 7.85 27.57 11.82
N ALA E 122 6.63 28.02 11.53
CA ALA E 122 6.18 28.17 10.13
C ALA E 122 7.10 29.05 9.30
N PHE E 123 7.47 30.19 9.87
CA PHE E 123 8.25 31.17 9.16
C PHE E 123 9.77 30.92 9.02
N GLU E 124 10.37 30.13 9.90
CA GLU E 124 11.83 29.98 9.83
C GLU E 124 12.32 28.55 9.70
N GLU E 125 11.41 27.60 9.79
CA GLU E 125 11.76 26.19 9.68
C GLU E 125 11.21 25.71 8.38
N LEU E 126 9.91 25.95 8.22
CA LEU E 126 9.22 25.63 7.02
C LEU E 126 9.65 26.66 6.01
N GLU E 127 9.92 27.88 6.48
CA GLU E 127 10.30 28.97 5.60
C GLU E 127 9.15 29.34 4.69
N LEU E 128 7.96 29.28 5.27
CA LEU E 128 6.73 29.65 4.57
C LEU E 128 6.67 31.17 4.48
N ASN E 129 5.90 31.67 3.52
CA ASN E 129 5.82 33.11 3.30
C ASN E 129 4.56 33.66 3.92
N ARG E 130 3.55 32.83 4.02
CA ARG E 130 2.25 33.27 4.45
C ARG E 130 1.54 32.24 5.37
N VAL E 131 0.84 32.78 6.37
CA VAL E 131 0.10 31.93 7.31
C VAL E 131 -1.27 32.52 7.50
N ALA E 132 -2.29 31.70 7.35
CA ALA E 132 -3.67 32.21 7.43
C ALA E 132 -4.49 31.56 8.54
N ILE E 133 -5.53 32.24 8.96
CA ILE E 133 -6.44 31.66 9.92
C ILE E 133 -7.82 32.10 9.52
N CYS E 134 -8.75 31.18 9.56
CA CYS E 134 -10.08 31.61 9.25
C CYS E 134 -10.95 31.18 10.40
N ALA E 135 -12.10 31.85 10.51
CA ALA E 135 -13.06 31.59 11.56
C ALA E 135 -14.40 32.17 11.26
N ALA E 136 -15.40 31.54 11.84
CA ALA E 136 -16.78 31.92 11.72
C ALA E 136 -17.02 33.34 12.19
N VAL E 137 -17.61 34.15 11.32
CA VAL E 137 -17.95 35.52 11.64
C VAL E 137 -18.46 35.70 13.07
N GLY E 138 -19.41 34.86 13.49
CA GLY E 138 -19.97 35.04 14.83
C GLY E 138 -19.36 34.02 15.74
N ASN E 139 -18.16 34.31 16.22
CA ASN E 139 -17.34 33.39 17.00
C ASN E 139 -16.15 34.21 17.42
N GLU E 140 -16.48 35.23 18.19
CA GLU E 140 -15.49 36.18 18.61
C GLU E 140 -14.31 35.51 19.26
N LYS E 141 -14.55 34.49 20.05
CA LYS E 141 -13.44 33.82 20.65
C LYS E 141 -12.27 33.45 19.70
N SER E 142 -12.54 32.93 18.51
CA SER E 142 -11.41 32.59 17.66
C SER E 142 -10.83 33.82 17.04
N ARG E 143 -11.72 34.67 16.58
CA ARG E 143 -11.32 35.91 15.99
C ARG E 143 -10.32 36.69 16.84
N ALA E 144 -10.51 36.74 18.15
CA ALA E 144 -9.57 37.50 18.93
C ALA E 144 -8.11 37.06 18.74
N VAL E 145 -7.92 35.80 18.34
CA VAL E 145 -6.60 35.24 18.17
C VAL E 145 -5.78 35.90 17.10
N PRO E 146 -6.21 35.82 15.87
CA PRO E 146 -5.49 36.47 14.78
C PRO E 146 -5.38 37.97 15.00
N GLU E 147 -6.37 38.54 15.65
CA GLU E 147 -6.30 39.96 15.82
C GLU E 147 -5.23 40.27 16.85
N ARG E 148 -5.16 39.43 17.88
CA ARG E 148 -4.11 39.56 18.85
C ARG E 148 -2.68 39.41 18.30
N ILE E 149 -2.46 38.57 17.29
CA ILE E 149 -1.09 38.35 16.83
C ILE E 149 -0.59 39.29 15.76
N GLY E 150 -1.48 39.91 15.01
CA GLY E 150 -1.06 40.85 13.99
C GLY E 150 -1.45 40.47 12.57
N PHE E 151 -2.37 39.52 12.44
CA PHE E 151 -2.91 39.10 11.14
C PHE E 151 -3.82 40.19 10.62
N LEU E 152 -4.02 40.24 9.32
CA LEU E 152 -4.97 41.17 8.74
C LEU E 152 -6.16 40.45 8.14
N GLU E 153 -7.34 40.97 8.39
CA GLU E 153 -8.53 40.45 7.78
C GLU E 153 -8.32 40.62 6.28
N GLU E 154 -8.64 39.55 5.53
CA GLU E 154 -8.46 39.36 4.08
C GLU E 154 -9.79 39.33 3.30
N GLY E 155 -10.72 38.53 3.81
CA GLY E 155 -12.04 38.37 3.21
C GLY E 155 -12.95 37.47 4.03
N LYS E 156 -14.09 37.19 3.44
CA LYS E 156 -15.00 36.27 4.07
C LYS E 156 -15.34 35.26 3.00
N ALA E 157 -15.38 33.99 3.34
CA ALA E 157 -15.92 33.08 2.35
C ALA E 157 -17.41 32.96 2.65
N ARG E 158 -18.20 33.33 1.67
CA ARG E 158 -19.66 33.24 1.75
C ARG E 158 -20.14 31.83 1.96
N ASP E 159 -20.78 31.58 3.10
CA ASP E 159 -21.32 30.26 3.38
C ASP E 159 -20.24 29.17 3.48
N GLY E 160 -19.08 29.52 4.02
CA GLY E 160 -17.95 28.62 4.04
C GLY E 160 -18.00 27.59 5.11
N LEU E 161 -18.90 27.75 6.08
CA LEU E 161 -19.08 26.79 7.18
C LEU E 161 -20.49 26.19 7.26
N TYR E 162 -20.55 24.93 7.69
CA TYR E 162 -21.79 24.24 8.06
C TYR E 162 -21.59 23.61 9.42
N VAL E 163 -21.79 24.38 10.48
CA VAL E 163 -21.62 23.94 11.84
C VAL E 163 -22.59 22.80 12.09
N ASN E 164 -23.69 23.13 12.70
CA ASN E 164 -24.80 22.22 12.70
C ASN E 164 -25.74 22.85 11.73
N GLY E 165 -26.53 22.00 11.07
CA GLY E 165 -27.60 22.34 10.16
C GLY E 165 -27.44 23.47 9.19
N HIS E 167 -25.55 27.33 7.69
CA HIS E 167 -24.34 27.88 7.21
C HIS E 167 -24.04 29.24 7.71
N HIS E 168 -22.78 29.46 8.00
CA HIS E 168 -22.33 30.71 8.47
C HIS E 168 -21.23 31.04 7.57
N ASP E 169 -20.73 32.24 7.67
CA ASP E 169 -19.66 32.68 6.81
C ASP E 169 -18.33 32.51 7.52
N LEU E 170 -17.26 32.53 6.75
CA LEU E 170 -15.92 32.41 7.28
C LEU E 170 -15.17 33.68 7.02
N VAL E 171 -14.41 34.11 8.02
CA VAL E 171 -13.67 35.32 7.84
C VAL E 171 -12.25 34.89 7.85
N TYR E 172 -11.44 35.49 6.99
CA TYR E 172 -10.05 35.05 6.83
C TYR E 172 -9.04 36.05 7.37
N TYR E 173 -7.90 35.56 7.85
CA TYR E 173 -6.82 36.43 8.28
C TYR E 173 -5.46 35.85 7.82
N SER E 174 -4.66 36.69 7.18
CA SER E 174 -3.36 36.24 6.68
C SER E 174 -2.29 37.03 7.36
N LEU E 175 -1.14 36.40 7.48
CA LEU E 175 0.05 37.00 8.07
C LEU E 175 1.22 36.65 7.15
N LEU E 176 1.76 37.64 6.47
CA LEU E 176 2.90 37.37 5.61
C LEU E 176 4.18 37.33 6.47
N LYS E 177 5.28 36.80 5.93
CA LYS E 177 6.56 36.74 6.65
C LYS E 177 7.25 38.11 6.85
N ARG E 178 7.54 38.81 5.74
CA ARG E 178 8.12 40.15 5.80
C ARG E 178 7.09 41.03 6.50
N GLU E 179 7.03 40.94 7.82
CA GLU E 179 5.87 41.46 8.55
C GLU E 179 5.78 40.89 9.99
N TRP E 180 6.71 40.02 10.41
CA TRP E 180 6.68 39.61 11.84
C TRP E 180 7.98 39.33 12.59
N GLY F 1 13.26 22.93 14.94
CA GLY F 1 12.33 21.76 15.17
C GLY F 1 11.21 22.16 16.13
N PHE F 3 9.22 19.77 17.71
CA PHE F 3 9.24 18.81 18.79
C PHE F 3 10.65 18.34 19.00
N THR F 4 11.03 18.36 20.24
CA THR F 4 12.44 18.23 20.56
C THR F 4 12.52 17.59 21.91
N CYS F 5 13.62 16.87 22.09
CA CYS F 5 13.96 16.35 23.38
C CYS F 5 15.16 17.15 23.82
N LYS F 6 15.05 17.90 24.91
CA LYS F 6 16.23 18.62 25.39
C LYS F 6 17.01 17.81 26.42
N VAL F 7 18.20 17.33 26.06
CA VAL F 7 18.95 16.55 27.03
C VAL F 7 19.59 17.49 28.00
N ASN F 8 20.38 18.39 27.45
CA ASN F 8 20.97 19.44 28.24
C ASN F 8 21.52 20.53 27.36
N GLU F 9 21.28 21.74 27.83
CA GLU F 9 21.86 23.01 27.36
C GLU F 9 22.79 23.01 26.17
N HIS F 10 23.35 21.85 25.84
CA HIS F 10 24.19 21.72 24.66
C HIS F 10 23.70 20.56 23.77
N ILE F 11 23.04 19.58 24.38
CA ILE F 11 22.66 18.38 23.67
C ILE F 11 21.18 18.28 23.46
N THR F 12 20.74 18.21 22.19
CA THR F 12 19.34 17.89 21.92
C THR F 12 19.18 16.67 21.01
N ILE F 13 18.06 15.96 21.15
CA ILE F 13 17.78 14.79 20.34
C ILE F 13 16.53 15.09 19.53
N ARG F 14 16.52 14.72 18.25
CA ARG F 14 15.29 15.02 17.49
C ARG F 14 15.17 14.10 16.31
N LEU F 15 13.97 13.86 15.78
CA LEU F 15 13.76 13.02 14.57
C LEU F 15 14.51 13.75 13.45
N LEU F 16 15.09 13.06 12.48
CA LEU F 16 15.82 13.77 11.40
C LEU F 16 14.75 14.10 10.42
N GLU F 17 15.02 14.93 9.42
CA GLU F 17 14.02 15.31 8.44
C GLU F 17 14.72 15.19 7.13
N PRO F 18 13.99 15.01 6.07
CA PRO F 18 14.63 14.98 4.75
C PRO F 18 15.70 16.07 4.58
N LYS F 19 15.43 17.31 4.95
CA LYS F 19 16.46 18.28 4.75
C LYS F 19 17.79 18.00 5.49
N ASP F 20 17.75 17.15 6.51
CA ASP F 20 18.97 16.71 7.20
C ASP F 20 19.85 15.78 6.36
N ALA F 21 19.40 15.47 5.16
CA ALA F 21 20.09 14.46 4.41
C ALA F 21 21.52 14.79 3.93
N GLU F 22 21.80 16.02 3.54
CA GLU F 22 23.16 16.24 3.04
C GLU F 22 24.17 16.12 4.19
N ARG F 23 23.81 16.68 5.36
CA ARG F 23 24.66 16.67 6.55
C ARG F 23 24.89 15.29 7.14
N LEU F 24 23.95 14.37 6.99
CA LEU F 24 24.12 13.06 7.58
C LEU F 24 25.07 12.29 6.65
N ALA F 25 24.79 12.34 5.35
CA ALA F 25 25.68 11.75 4.38
C ALA F 25 27.15 12.20 4.59
N GLU F 26 27.39 13.51 4.80
CA GLU F 26 28.77 13.98 4.93
C GLU F 26 29.34 13.55 6.25
N LEU F 27 28.52 13.62 7.29
CA LEU F 27 28.98 13.27 8.61
C LEU F 27 29.41 11.82 8.59
N ILE F 28 28.92 11.07 7.64
CA ILE F 28 29.15 9.65 7.68
C ILE F 28 30.32 9.30 6.82
N ILE F 29 30.49 10.09 5.77
CA ILE F 29 31.56 9.83 4.83
C ILE F 29 32.88 10.22 5.44
N GLN F 30 32.87 11.24 6.27
CA GLN F 30 34.11 11.68 6.83
C GLN F 30 34.44 10.92 8.10
N ASN F 31 33.56 10.02 8.48
CA ASN F 31 33.83 9.17 9.62
C ASN F 31 34.02 7.77 9.05
N GLN F 32 32.97 7.16 8.56
CA GLN F 32 33.12 5.93 7.77
C GLN F 32 33.85 4.69 8.30
N GLN F 33 33.04 3.75 8.80
CA GLN F 33 33.49 2.39 9.14
C GLN F 33 34.02 2.18 10.53
N ARG F 34 34.84 3.15 10.95
CA ARG F 34 35.30 3.24 12.31
C ARG F 34 33.92 3.39 12.94
N LEU F 35 32.90 3.34 12.09
CA LEU F 35 31.53 3.39 12.56
C LEU F 35 30.81 2.03 12.34
N GLY F 36 31.51 1.16 11.62
CA GLY F 36 30.96 -0.15 11.34
C GLY F 36 31.03 -0.84 12.67
N LYS F 37 32.09 -0.50 13.41
CA LYS F 37 32.31 -1.01 14.76
C LYS F 37 31.35 -0.38 15.76
N TRP F 38 30.80 0.77 15.41
CA TRP F 38 29.96 1.38 16.39
C TRP F 38 28.72 0.52 16.35
N LEU F 39 28.24 0.27 15.13
CA LEU F 39 27.10 -0.59 14.79
C LEU F 39 26.28 0.13 13.73
N PHE F 40 27.00 0.63 12.71
CA PHE F 40 26.37 1.42 11.63
C PHE F 40 26.68 1.01 10.19
N PHE F 41 27.96 1.01 9.85
CA PHE F 41 28.44 0.54 8.53
C PHE F 41 27.42 0.79 7.38
N PRO F 45 28.36 2.40 1.68
CA PRO F 45 27.51 3.49 2.19
C PRO F 45 26.38 3.88 1.21
N SER F 46 26.01 5.16 1.18
CA SER F 46 24.90 5.66 0.34
C SER F 46 24.69 7.16 0.51
N SER F 47 23.94 7.74 -0.40
CA SER F 47 23.95 9.18 -0.48
C SER F 47 22.84 9.96 0.12
N ALA F 48 23.07 11.27 0.04
CA ALA F 48 22.15 12.28 0.45
C ALA F 48 20.87 11.87 -0.21
N ASP F 49 20.99 11.53 -1.47
CA ASP F 49 19.83 11.15 -2.25
C ASP F 49 19.07 10.03 -1.57
N THR F 50 19.76 8.98 -1.15
CA THR F 50 19.05 7.85 -0.55
C THR F 50 18.49 8.17 0.84
N TYR F 51 19.17 9.05 1.56
CA TYR F 51 18.70 9.44 2.85
C TYR F 51 17.42 10.28 2.75
N ARG F 52 17.41 11.24 1.83
CA ARG F 52 16.28 12.18 1.66
C ARG F 52 15.00 11.61 1.10
N GLU F 53 15.10 10.48 0.44
CA GLU F 53 13.93 9.98 -0.25
C GLU F 53 13.44 8.61 0.24
N THR F 54 14.24 7.96 1.07
CA THR F 54 13.89 6.63 1.56
C THR F 54 14.24 6.44 3.03
N ILE F 55 15.52 6.45 3.36
CA ILE F 55 15.91 6.14 4.71
C ILE F 55 15.29 7.09 5.75
N ILE F 56 15.38 8.37 5.52
CA ILE F 56 14.81 9.25 6.50
C ILE F 56 13.30 9.10 6.64
N PRO F 57 12.54 9.14 5.58
CA PRO F 57 11.12 8.86 5.68
C PRO F 57 10.79 7.54 6.38
N ASP F 58 11.36 6.40 5.99
CA ASP F 58 11.00 5.20 6.72
C ASP F 58 11.23 5.50 8.24
N TRP F 59 12.34 6.14 8.57
CA TRP F 59 12.63 6.39 9.98
C TRP F 59 11.45 7.08 10.68
N ARG F 60 10.93 8.11 10.00
CA ARG F 60 9.86 8.97 10.50
C ARG F 60 8.62 8.14 10.63
N ARG F 61 8.36 7.39 9.58
CA ARG F 61 7.16 6.60 9.57
C ARG F 61 7.30 5.61 10.73
N GLN F 62 8.52 5.11 11.00
CA GLN F 62 8.51 4.15 12.09
C GLN F 62 8.30 4.84 13.39
N TYR F 63 8.71 6.09 13.50
CA TYR F 63 8.41 6.83 14.71
C TYR F 63 6.86 7.02 14.79
N ALA F 64 6.20 7.49 13.73
CA ALA F 64 4.75 7.56 13.77
C ALA F 64 4.10 6.24 14.22
N ASP F 65 4.63 5.09 13.79
CA ASP F 65 4.02 3.82 14.16
C ASP F 65 4.32 3.34 15.54
N LEU F 66 5.06 4.13 16.25
CA LEU F 66 5.46 3.73 17.58
C LEU F 66 6.33 2.48 17.67
N ASN F 67 7.13 2.16 16.65
CA ASN F 67 8.09 1.15 16.93
C ASN F 67 9.51 1.65 16.80
N GLY F 68 10.01 2.18 17.88
CA GLY F 68 11.38 2.66 17.86
C GLY F 68 11.60 4.13 17.54
N ILE F 69 12.77 4.63 17.91
CA ILE F 69 13.10 5.99 17.52
C ILE F 69 14.44 5.97 16.93
N GLU F 70 14.56 6.51 15.73
CA GLU F 70 15.83 6.76 15.09
C GLU F 70 16.00 8.27 15.13
N ALA F 71 16.81 8.80 16.04
CA ALA F 71 16.99 10.26 16.05
C ALA F 71 18.42 10.80 15.87
N GLY F 72 18.53 12.08 15.59
CA GLY F 72 19.82 12.70 15.54
C GLY F 72 20.24 13.30 16.89
N LEU F 73 21.54 13.33 17.11
CA LEU F 73 22.07 14.01 18.28
C LEU F 73 22.55 15.37 17.80
N LEU F 74 22.21 16.38 18.57
CA LEU F 74 22.60 17.71 18.21
C LEU F 74 23.45 18.37 19.29
N TYR F 75 24.64 18.82 18.91
CA TYR F 75 25.49 19.52 19.87
C TYR F 75 25.58 20.97 19.47
N ASP F 76 25.02 21.81 20.30
CA ASP F 76 25.01 23.25 19.98
C ASP F 76 24.36 23.56 18.65
N GLY F 77 23.14 23.04 18.52
CA GLY F 77 22.31 23.18 17.35
C GLY F 77 22.75 22.36 16.16
N SER F 78 23.85 21.62 16.27
CA SER F 78 24.32 20.87 15.10
C SER F 78 24.45 19.31 15.19
N LEU F 79 24.19 18.63 14.08
CA LEU F 79 24.17 17.17 14.02
C LEU F 79 25.51 16.46 14.25
N CYS F 80 25.70 15.80 15.35
CA CYS F 80 27.01 15.26 15.53
C CYS F 80 26.92 13.80 15.48
N GLY F 81 25.69 13.31 15.36
CA GLY F 81 25.44 11.87 15.24
C GLY F 81 24.03 11.42 15.55
N ILE F 83 21.15 8.51 17.79
CA ILE F 83 20.88 7.57 18.84
C ILE F 83 19.61 6.86 18.46
N SER F 84 19.44 5.58 18.79
CA SER F 84 18.16 4.94 18.47
C SER F 84 17.64 4.03 19.55
N LEU F 85 16.30 3.95 19.65
CA LEU F 85 15.67 2.98 20.52
C LEU F 85 15.11 1.98 19.57
N HIS F 86 15.79 0.85 19.41
CA HIS F 86 15.29 -0.16 18.48
C HIS F 86 15.00 -1.53 19.05
N ASN F 87 14.61 -2.48 18.22
CA ASN F 87 14.12 -3.76 18.75
C ASN F 87 13.14 -3.60 19.90
N LEU F 88 12.07 -2.80 19.75
CA LEU F 88 11.16 -2.61 20.87
C LEU F 88 10.31 -3.79 20.87
N ASP F 89 10.10 -4.37 22.03
CA ASP F 89 9.27 -5.54 22.16
C ASP F 89 8.32 -5.24 23.31
N GLN F 90 7.13 -4.73 23.04
CA GLN F 90 6.21 -4.30 24.08
C GLN F 90 5.76 -5.41 24.98
N VAL F 91 5.35 -6.53 24.42
CA VAL F 91 5.00 -7.68 25.22
C VAL F 91 6.12 -8.10 26.20
N ASN F 92 7.40 -8.05 25.80
CA ASN F 92 8.43 -8.55 26.70
C ASN F 92 9.03 -7.41 27.48
N ARG F 93 8.45 -6.22 27.31
CA ARG F 93 8.85 -5.01 28.05
C ARG F 93 10.31 -4.64 27.90
N LYS F 94 10.81 -4.72 26.68
CA LYS F 94 12.25 -4.53 26.46
C LYS F 94 12.63 -3.83 25.16
N ALA F 95 13.82 -3.25 25.13
CA ALA F 95 14.32 -2.54 23.98
C ALA F 95 15.83 -2.54 24.09
N GLU F 96 16.46 -2.10 23.01
CA GLU F 96 17.88 -1.96 22.91
C GLU F 96 18.14 -0.53 22.48
N ILE F 97 19.34 0.03 22.72
CA ILE F 97 19.61 1.42 22.39
C ILE F 97 20.89 1.40 21.65
N GLY F 98 21.05 2.16 20.56
CA GLY F 98 22.33 2.22 19.86
C GLY F 98 22.86 3.65 19.59
N TYR F 99 24.07 3.85 19.13
CA TYR F 99 24.40 5.24 18.87
C TYR F 99 25.73 5.30 18.18
N TRP F 100 26.11 6.52 17.85
CA TRP F 100 27.41 6.84 17.35
C TRP F 100 27.41 8.33 17.19
N ILE F 101 28.58 8.93 17.33
CA ILE F 101 28.72 10.34 17.16
C ILE F 101 29.98 10.50 16.36
N ALA F 102 30.18 11.69 15.81
CA ALA F 102 31.33 11.92 14.97
C ALA F 102 32.52 12.14 15.89
N LYS F 103 33.70 11.77 15.41
CA LYS F 103 34.90 11.85 16.24
C LYS F 103 35.05 13.26 16.72
N GLU F 104 34.99 14.16 15.77
CA GLU F 104 35.07 15.56 16.10
C GLU F 104 34.37 15.85 17.44
N PHE F 105 33.27 15.14 17.75
CA PHE F 105 32.50 15.38 19.00
C PHE F 105 32.71 14.38 20.17
N GLU F 106 33.77 13.58 20.09
CA GLU F 106 34.07 12.63 21.15
C GLU F 106 34.49 13.26 22.47
N GLY F 107 34.26 12.52 23.55
CA GLY F 107 34.66 12.98 24.86
C GLY F 107 33.81 14.00 25.60
N LYS F 108 32.80 14.55 24.95
CA LYS F 108 32.02 15.61 25.57
C LYS F 108 30.89 15.06 26.40
N GLY F 109 30.88 13.75 26.59
CA GLY F 109 29.78 13.16 27.34
C GLY F 109 28.38 13.08 26.69
N ILE F 110 28.30 13.29 25.39
CA ILE F 110 27.04 13.32 24.65
C ILE F 110 26.31 11.98 24.63
N ILE F 111 27.02 10.96 24.20
CA ILE F 111 26.37 9.68 24.10
C ILE F 111 25.76 9.26 25.44
N THR F 112 26.58 9.33 26.48
CA THR F 112 26.14 9.02 27.82
C THR F 112 24.94 9.87 28.17
N ALA F 113 25.07 11.18 28.06
CA ALA F 113 23.95 12.05 28.36
C ALA F 113 22.69 11.61 27.61
N ALA F 114 22.70 11.56 26.28
CA ALA F 114 21.48 11.16 25.59
C ALA F 114 21.01 9.76 26.01
N CYS F 115 21.93 8.82 26.21
CA CYS F 115 21.44 7.51 26.63
C CYS F 115 20.58 7.68 27.85
N ARG F 116 21.11 8.40 28.85
CA ARG F 116 20.38 8.59 30.09
C ARG F 116 19.02 9.17 29.83
N LYS F 117 18.94 10.27 29.08
CA LYS F 117 17.61 10.73 28.76
C LYS F 117 16.79 9.61 28.07
N LEU F 118 17.38 8.95 27.10
CA LEU F 118 16.60 8.02 26.37
C LEU F 118 16.13 6.99 27.35
N ILE F 119 16.94 6.73 28.39
CA ILE F 119 16.62 5.66 29.30
C ILE F 119 15.46 6.03 30.16
N THR F 120 15.47 7.22 30.77
CA THR F 120 14.34 7.63 31.56
C THR F 120 13.03 7.37 30.76
N TYR F 121 13.06 7.71 29.48
CA TYR F 121 11.87 7.62 28.69
C TYR F 121 11.52 6.18 28.51
N ALA F 122 12.48 5.32 28.25
CA ALA F 122 12.16 3.93 28.07
C ALA F 122 11.51 3.43 29.37
N PHE F 123 12.03 3.83 30.50
CA PHE F 123 11.46 3.34 31.74
C PHE F 123 10.18 4.09 32.24
N GLU F 124 10.14 5.41 32.12
CA GLU F 124 9.06 6.14 32.74
C GLU F 124 7.84 6.25 31.89
N GLU F 125 8.04 6.48 30.61
CA GLU F 125 6.93 6.71 29.72
C GLU F 125 6.47 5.51 28.90
N LEU F 126 7.35 4.59 28.55
CA LEU F 126 6.92 3.42 27.80
C LEU F 126 6.78 2.35 28.83
N GLU F 127 7.38 2.58 29.98
CA GLU F 127 7.21 1.62 31.05
C GLU F 127 7.78 0.23 30.70
N LEU F 128 8.96 0.17 30.15
CA LEU F 128 9.58 -1.12 29.93
C LEU F 128 10.30 -1.59 31.19
N ASN F 129 10.55 -2.88 31.24
CA ASN F 129 11.27 -3.36 32.37
C ASN F 129 12.74 -3.48 32.07
N ARG F 130 13.09 -3.66 30.79
CA ARG F 130 14.47 -3.94 30.43
C ARG F 130 15.02 -3.09 29.32
N VAL F 131 16.28 -2.73 29.46
CA VAL F 131 16.93 -2.00 28.38
C VAL F 131 18.28 -2.61 28.05
N ALA F 132 18.56 -2.90 26.78
CA ALA F 132 19.86 -3.55 26.51
C ALA F 132 20.71 -2.79 25.58
N ILE F 133 22.03 -2.98 25.70
CA ILE F 133 22.92 -2.30 24.76
C ILE F 133 23.97 -3.26 24.24
N CYS F 134 24.27 -3.19 22.96
CA CYS F 134 25.42 -4.00 22.59
C CYS F 134 26.54 -3.33 21.83
N ALA F 135 27.69 -4.00 21.76
CA ALA F 135 28.84 -3.40 21.10
C ALA F 135 29.84 -4.43 20.75
N ALA F 136 30.56 -4.20 19.66
CA ALA F 136 31.69 -5.08 19.34
C ALA F 136 32.56 -5.36 20.59
N VAL F 137 32.95 -6.60 20.75
CA VAL F 137 33.74 -6.97 21.90
C VAL F 137 34.94 -6.02 22.14
N GLY F 138 35.63 -5.61 21.07
CA GLY F 138 36.76 -4.72 21.25
C GLY F 138 36.53 -3.29 20.81
N ASN F 139 35.45 -2.66 21.27
CA ASN F 139 35.18 -1.27 20.95
C ASN F 139 35.08 -0.54 22.27
N GLU F 140 36.26 -0.23 22.81
CA GLU F 140 36.28 0.36 24.13
C GLU F 140 35.29 1.50 24.21
N LYS F 141 35.43 2.49 23.33
CA LYS F 141 34.59 3.67 23.44
C LYS F 141 33.11 3.30 23.58
N SER F 142 32.67 2.27 22.90
CA SER F 142 31.27 2.00 22.93
C SER F 142 30.89 1.21 24.17
N ARG F 143 31.77 0.33 24.59
CA ARG F 143 31.45 -0.46 25.72
C ARG F 143 31.34 0.37 26.98
N ALA F 144 31.92 1.55 27.00
CA ALA F 144 31.98 2.23 28.28
C ALA F 144 30.71 2.92 28.70
N VAL F 145 29.89 3.25 27.74
CA VAL F 145 28.67 3.95 28.05
C VAL F 145 27.84 3.10 29.02
N PRO F 146 27.49 1.91 28.61
CA PRO F 146 26.64 1.06 29.45
C PRO F 146 27.23 0.83 30.82
N GLU F 147 28.56 0.75 30.92
CA GLU F 147 29.17 0.44 32.18
C GLU F 147 29.14 1.62 33.11
N ARG F 148 29.43 2.81 32.60
CA ARG F 148 29.20 4.03 33.35
C ARG F 148 27.74 4.09 33.87
N ILE F 149 26.77 3.72 33.05
CA ILE F 149 25.43 3.88 33.51
C ILE F 149 25.02 2.82 34.52
N GLY F 150 25.78 1.74 34.60
CA GLY F 150 25.40 0.67 35.51
C GLY F 150 24.59 -0.47 34.91
N PHE F 151 24.78 -0.70 33.60
CA PHE F 151 24.26 -1.88 32.90
C PHE F 151 25.18 -3.03 33.29
N LEU F 152 24.67 -4.26 33.24
CA LEU F 152 25.52 -5.44 33.52
C LEU F 152 25.71 -6.22 32.23
N GLU F 153 26.95 -6.64 32.01
CA GLU F 153 27.31 -7.56 30.93
C GLU F 153 26.48 -8.80 31.14
N GLU F 154 25.78 -9.22 30.10
CA GLU F 154 24.81 -10.31 30.13
C GLU F 154 25.23 -11.56 29.40
N GLY F 155 26.18 -11.39 28.46
CA GLY F 155 26.63 -12.43 27.54
C GLY F 155 27.19 -11.96 26.20
N LYS F 156 27.77 -12.88 25.45
CA LYS F 156 28.37 -12.53 24.19
C LYS F 156 27.60 -13.18 23.05
N ALA F 157 27.39 -12.49 21.93
CA ALA F 157 26.91 -13.18 20.73
C ALA F 157 28.14 -13.53 19.88
N ARG F 158 28.47 -14.82 19.76
CA ARG F 158 29.64 -15.24 18.94
C ARG F 158 29.41 -14.84 17.51
N ASP F 159 30.40 -14.21 16.91
CA ASP F 159 30.32 -13.78 15.52
C ASP F 159 29.02 -12.95 15.23
N GLY F 160 28.66 -12.08 16.16
CA GLY F 160 27.47 -11.27 16.02
C GLY F 160 27.65 -10.11 15.05
N LEU F 161 28.89 -9.76 14.76
CA LEU F 161 29.13 -8.66 13.85
C LEU F 161 29.77 -9.07 12.59
N TYR F 162 29.58 -8.24 11.57
CA TYR F 162 30.26 -8.50 10.29
C TYR F 162 30.88 -7.24 9.70
N VAL F 163 32.11 -6.93 10.06
CA VAL F 163 32.71 -5.67 9.63
C VAL F 163 33.83 -5.78 8.63
N ASN F 164 33.47 -5.52 7.39
CA ASN F 164 34.43 -5.68 6.34
C ASN F 164 34.95 -7.09 6.45
N GLY F 165 34.23 -8.06 5.91
CA GLY F 165 34.71 -9.44 5.86
C GLY F 165 35.18 -10.15 7.12
N HIS F 167 34.53 -11.25 11.25
CA HIS F 167 33.41 -11.40 12.18
C HIS F 167 33.91 -11.12 13.57
N HIS F 168 33.16 -10.39 14.37
CA HIS F 168 33.59 -10.18 15.74
C HIS F 168 32.50 -10.49 16.68
N ASP F 169 32.83 -10.65 17.93
CA ASP F 169 31.80 -10.97 18.88
C ASP F 169 31.06 -9.70 19.32
N LEU F 170 29.81 -9.87 19.73
CA LEU F 170 29.06 -8.76 20.33
C LEU F 170 29.00 -9.01 21.81
N VAL F 171 29.24 -7.99 22.61
CA VAL F 171 28.99 -8.13 24.04
C VAL F 171 27.65 -7.43 24.38
N TYR F 172 26.85 -7.98 25.31
CA TYR F 172 25.50 -7.47 25.62
C TYR F 172 25.34 -6.99 27.06
N TYR F 173 24.83 -5.78 27.23
CA TYR F 173 24.61 -5.27 28.56
C TYR F 173 23.15 -5.00 28.74
N SER F 174 22.61 -5.30 29.92
CA SER F 174 21.18 -5.05 30.16
C SER F 174 21.11 -4.20 31.36
N LEU F 175 20.05 -3.44 31.44
CA LEU F 175 19.78 -2.62 32.61
C LEU F 175 18.29 -2.85 33.04
N LEU F 176 18.00 -3.29 34.25
CA LEU F 176 16.59 -3.49 34.69
C LEU F 176 15.94 -2.29 35.38
N LYS F 177 14.67 -2.05 35.13
CA LYS F 177 14.00 -0.88 35.70
C LYS F 177 14.22 -0.76 37.21
N ARG F 178 13.93 -1.80 37.97
CA ARG F 178 14.21 -1.79 39.39
C ARG F 178 15.67 -1.48 39.72
N GLU F 179 16.60 -1.66 38.79
CA GLU F 179 17.97 -1.23 39.03
C GLU F 179 17.92 0.25 38.73
N TRP F 180 16.78 0.81 39.04
CA TRP F 180 16.46 2.21 38.88
C TRP F 180 15.25 2.45 39.81
#